data_5Y96
#
_entry.id   5Y96
#
_cell.length_a   54.679
_cell.length_b   68.740
_cell.length_c   70.327
_cell.angle_alpha   88.95
_cell.angle_beta   75.00
_cell.angle_gamma   72.18
#
_symmetry.space_group_name_H-M   'P 1'
#
loop_
_entity.id
_entity.type
_entity.pdbx_description
1 polymer 'Receptor-like protein kinase ANXUR1'
2 polymer 'Receptor-like protein kinase ANXUR1'
3 branched 2-acetamido-2-deoxy-beta-D-glucopyranose-(1-4)-2-acetamido-2-deoxy-beta-D-glucopyranose
4 non-polymer 2-acetamido-2-deoxy-beta-D-glucopyranose
5 water water
#
loop_
_entity_poly.entity_id
_entity_poly.type
_entity_poly.pdbx_seq_one_letter_code
_entity_poly.pdbx_strand_id
1 'polypeptide(L)'
;QDLALSCGTSEASADQDKKKWEPDTKFLKTGNSIHATATYQDPSLLSTVPYMTARIFTAPATYEIPIKGDKRHLLRLYFY
PSTYTGLNISNSYFTVEANDVTLLSNFSAAITCQALTQAYLVKEYSLAPTDKDVLSIKFTPSDKYRDAFAFINGIEVIQM
PELFDTAALVGFTDQTMDAKTANLQSMFRLNVGGQDIPGSQDSGGLTRTWYNDAPYIFSAGLGVTLQASNNFRINYQNMP
VSIAPADIYKTARSQGPNGDINLKSNLTWMFQIDKNFTYILRLHFCEFQLSKINQKVFNIYINNRTAQADTTPADIIGWT
GEKGIPMYKDYAIYVDANNGGEEITLQMTPSTFGQPEYYDSSLNGLEIFKMDTMKNLAGPNPEP
;
A
2 'polypeptide(L)'
;DLALSCGTSEASADQDKKKWEPDTKFLKTGNSIHATATYQDPSLLSTVPYMTARIFTAPATYEIPIKGDKRHLLRLYFYP
STYTGLNISNSYFTVEANDVTLLSNFSAAITCQALTQAYLVKEYSLAPTDKDVLSIKFTPSDKYRDAFAFINGIEVIQMP
ELFDTAALVGFTDQTMDAKTANLQSMFRLNVGGQDIPGSQDSGGLTRTWYNDAPYIFSAGLGVTLQASNNFRINYQNMPV
SIAPADIYKTARSQGPNGDINLKSNLTWMFQIDKNFTYILRLHFCEFQLSKINQKVFNIYINNRTAQADTTPADIIGWTG
EKGIPMYKDYAIYVDANNGGEEITLQMTPSTFGQPEYYDSSLNGLEIFKMDTMKNLAGPNPEP
;
B
#
loop_
_chem_comp.id
_chem_comp.type
_chem_comp.name
_chem_comp.formula
NAG D-saccharide, beta linking 2-acetamido-2-deoxy-beta-D-glucopyranose 'C8 H15 N O6'
#
# COMPACT_ATOMS: atom_id res chain seq x y z
N GLN A 1 -6.98 6.86 -5.72
CA GLN A 1 -7.01 7.05 -7.16
C GLN A 1 -5.76 6.52 -7.84
N ASP A 2 -4.83 6.00 -7.03
CA ASP A 2 -3.54 5.53 -7.54
C ASP A 2 -3.73 4.51 -8.66
N LEU A 3 -2.89 4.62 -9.68
CA LEU A 3 -2.95 3.74 -10.85
C LEU A 3 -1.54 3.32 -11.24
N ALA A 4 -1.43 2.08 -11.71
CA ALA A 4 -0.21 1.57 -12.35
C ALA A 4 -0.67 0.89 -13.64
N LEU A 5 -0.61 1.62 -14.75
CA LEU A 5 -1.13 1.15 -16.03
C LEU A 5 0.02 0.66 -16.90
N SER A 6 -0.03 -0.61 -17.29
CA SER A 6 0.89 -1.13 -18.29
C SER A 6 0.20 -1.01 -19.65
N CYS A 7 0.70 -0.08 -20.47
CA CYS A 7 0.05 0.18 -21.74
C CYS A 7 0.34 -0.94 -22.74
N GLY A 8 -0.68 -1.33 -23.48
CA GLY A 8 -0.56 -2.41 -24.43
C GLY A 8 -0.81 -3.80 -23.87
N THR A 9 -1.33 -3.91 -22.67
CA THR A 9 -1.68 -5.19 -22.06
C THR A 9 -3.19 -5.35 -22.00
N SER A 10 -3.62 -6.60 -21.83
CA SER A 10 -5.03 -6.91 -21.72
C SER A 10 -5.40 -7.69 -20.45
N GLU A 11 -4.41 -8.14 -19.68
CA GLU A 11 -4.64 -8.76 -18.38
C GLU A 11 -3.67 -8.18 -17.37
N ALA A 12 -3.94 -8.47 -16.09
CA ALA A 12 -3.08 -7.96 -15.03
C ALA A 12 -1.68 -8.55 -15.13
N SER A 13 -0.70 -7.78 -14.65
CA SER A 13 0.69 -8.21 -14.68
C SER A 13 1.39 -7.66 -13.45
N ALA A 14 2.58 -8.21 -13.17
CA ALA A 14 3.39 -7.78 -12.04
C ALA A 14 4.85 -7.82 -12.43
N ASP A 15 5.63 -6.88 -11.88
CA ASP A 15 7.04 -6.78 -12.21
C ASP A 15 7.88 -7.53 -11.17
N GLN A 16 9.20 -7.36 -11.25
CA GLN A 16 10.12 -8.07 -10.38
C GLN A 16 10.09 -7.56 -8.94
N ASP A 17 9.51 -6.39 -8.70
CA ASP A 17 9.35 -5.84 -7.36
C ASP A 17 7.94 -6.04 -6.83
N LYS A 18 7.18 -6.94 -7.43
CA LYS A 18 5.82 -7.33 -6.99
C LYS A 18 4.81 -6.21 -7.11
N LYS A 19 5.13 -5.14 -7.84
CA LYS A 19 4.15 -4.11 -8.11
C LYS A 19 3.14 -4.60 -9.13
N LYS A 20 1.86 -4.38 -8.86
CA LYS A 20 0.79 -4.87 -9.71
C LYS A 20 0.41 -3.80 -10.74
N TRP A 21 0.27 -4.23 -11.99
CA TRP A 21 -0.10 -3.37 -13.10
C TRP A 21 -1.40 -3.85 -13.73
N GLU A 22 -2.11 -2.94 -14.37
CA GLU A 22 -3.36 -3.24 -15.06
C GLU A 22 -3.34 -2.61 -16.43
N PRO A 23 -4.20 -3.07 -17.34
CA PRO A 23 -4.27 -2.44 -18.67
C PRO A 23 -4.74 -0.99 -18.58
N ASP A 24 -4.31 -0.20 -19.56
CA ASP A 24 -4.60 1.23 -19.62
C ASP A 24 -5.90 1.55 -20.35
N THR A 25 -6.63 0.52 -20.81
CA THR A 25 -7.67 0.72 -21.83
C THR A 25 -8.75 1.68 -21.37
N LYS A 26 -9.28 1.47 -20.16
CA LYS A 26 -10.44 2.27 -19.74
C LYS A 26 -10.11 3.74 -19.49
N PHE A 27 -8.84 4.14 -19.55
CA PHE A 27 -8.46 5.52 -19.33
C PHE A 27 -8.04 6.26 -20.59
N LEU A 28 -7.97 5.56 -21.73
CA LEU A 28 -7.67 6.23 -22.99
C LEU A 28 -8.94 6.86 -23.52
N LYS A 29 -8.93 8.19 -23.70
CA LYS A 29 -10.13 8.96 -23.99
C LYS A 29 -10.30 9.29 -25.46
N THR A 30 -9.27 9.83 -26.11
CA THR A 30 -9.37 10.27 -27.49
C THR A 30 -8.29 9.60 -28.35
N GLY A 31 -8.56 9.50 -29.64
CA GLY A 31 -7.59 9.01 -30.59
C GLY A 31 -7.69 7.51 -30.83
N ASN A 32 -6.88 7.06 -31.78
CA ASN A 32 -6.76 5.65 -32.13
C ASN A 32 -5.35 5.17 -31.84
N SER A 33 -5.24 3.89 -31.49
CA SER A 33 -3.98 3.27 -31.14
C SER A 33 -4.19 1.77 -31.07
N ILE A 34 -3.08 1.03 -31.14
CA ILE A 34 -3.10 -0.42 -31.03
C ILE A 34 -2.05 -0.87 -30.03
N HIS A 35 -2.28 -2.04 -29.45
CA HIS A 35 -1.26 -2.67 -28.63
C HIS A 35 -0.07 -3.07 -29.49
N ALA A 36 1.12 -3.07 -28.88
CA ALA A 36 2.32 -3.47 -29.58
C ALA A 36 3.26 -4.14 -28.60
N THR A 37 4.06 -5.09 -29.11
CA THR A 37 5.04 -5.81 -28.33
C THR A 37 6.43 -5.55 -28.90
N ALA A 38 7.40 -5.31 -28.02
CA ALA A 38 8.77 -5.08 -28.45
C ALA A 38 9.32 -6.34 -29.11
N THR A 39 10.17 -6.13 -30.12
CA THR A 39 10.77 -7.22 -30.87
C THR A 39 12.06 -7.74 -30.25
N TYR A 40 12.63 -7.02 -29.28
CA TYR A 40 13.87 -7.44 -28.64
C TYR A 40 13.77 -7.15 -27.14
N GLN A 41 14.06 -8.15 -26.33
CA GLN A 41 14.07 -8.00 -24.87
C GLN A 41 15.51 -7.79 -24.42
N ASP A 42 15.84 -6.57 -24.03
CA ASP A 42 17.19 -6.26 -23.61
C ASP A 42 17.51 -7.01 -22.31
N PRO A 43 18.69 -7.62 -22.21
CA PRO A 43 19.03 -8.36 -20.98
C PRO A 43 19.15 -7.47 -19.75
N SER A 44 19.31 -6.16 -19.92
CA SER A 44 19.39 -5.25 -18.77
C SER A 44 18.03 -4.96 -18.15
N LEU A 45 16.94 -5.40 -18.78
CA LEU A 45 15.61 -5.20 -18.21
C LEU A 45 15.46 -6.05 -16.95
N LEU A 46 15.09 -5.40 -15.85
CA LEU A 46 14.80 -6.13 -14.62
C LEU A 46 13.49 -6.89 -14.70
N SER A 47 12.63 -6.55 -15.66
CA SER A 47 11.34 -7.20 -15.83
C SER A 47 10.80 -6.83 -17.20
N THR A 48 9.91 -7.67 -17.72
CA THR A 48 9.19 -7.36 -18.95
C THR A 48 7.97 -6.49 -18.69
N VAL A 49 7.67 -6.19 -17.44
CA VAL A 49 6.51 -5.39 -17.04
C VAL A 49 7.02 -4.05 -16.54
N PRO A 50 6.60 -2.92 -17.13
CA PRO A 50 5.66 -2.82 -18.25
C PRO A 50 6.33 -2.62 -19.60
N TYR A 51 7.63 -2.91 -19.66
CA TYR A 51 8.46 -2.38 -20.75
C TYR A 51 8.21 -3.09 -22.07
N MET A 52 7.95 -4.40 -22.04
CA MET A 52 7.85 -5.14 -23.30
C MET A 52 6.55 -4.89 -24.05
N THR A 53 5.57 -4.24 -23.44
CA THR A 53 4.30 -3.92 -24.09
C THR A 53 4.14 -2.41 -24.17
N ALA A 54 3.57 -1.95 -25.29
CA ALA A 54 3.43 -0.51 -25.50
C ALA A 54 2.14 -0.21 -26.24
N ARG A 55 1.71 1.03 -26.13
CA ARG A 55 0.66 1.60 -26.97
C ARG A 55 1.31 2.60 -27.91
N ILE A 56 0.98 2.52 -29.20
CA ILE A 56 1.61 3.32 -30.23
C ILE A 56 0.60 4.35 -30.73
N PHE A 57 1.02 5.61 -30.80
CA PHE A 57 0.18 6.70 -31.28
C PHE A 57 0.79 7.29 -32.54
N THR A 58 0.12 7.12 -33.67
CA THR A 58 0.50 7.80 -34.90
C THR A 58 -0.25 9.11 -35.08
N ALA A 59 -1.08 9.47 -34.12
CA ALA A 59 -1.82 10.73 -34.10
C ALA A 59 -2.02 11.10 -32.64
N PRO A 60 -2.39 12.35 -32.36
CA PRO A 60 -2.56 12.75 -30.96
C PRO A 60 -3.58 11.88 -30.23
N ALA A 61 -3.32 11.64 -28.95
CA ALA A 61 -4.21 10.84 -28.11
C ALA A 61 -4.11 11.35 -26.68
N THR A 62 -5.19 11.16 -25.92
CA THR A 62 -5.29 11.70 -24.57
C THR A 62 -5.82 10.64 -23.61
N TYR A 63 -5.15 10.50 -22.47
CA TYR A 63 -5.68 9.78 -21.33
C TYR A 63 -6.40 10.75 -20.40
N GLU A 64 -7.41 10.24 -19.69
CA GLU A 64 -8.09 11.00 -18.65
C GLU A 64 -8.10 10.17 -17.38
N ILE A 65 -7.41 10.66 -16.35
CA ILE A 65 -7.20 9.94 -15.10
C ILE A 65 -7.93 10.67 -13.99
N PRO A 66 -8.88 10.03 -13.30
CA PRO A 66 -9.54 10.70 -12.17
C PRO A 66 -8.56 10.89 -11.03
N ILE A 67 -8.51 12.11 -10.50
CA ILE A 67 -7.61 12.47 -9.42
C ILE A 67 -8.33 13.41 -8.47
N LYS A 68 -7.71 13.64 -7.31
CA LYS A 68 -8.17 14.66 -6.38
C LYS A 68 -7.48 15.98 -6.74
N GLY A 69 -8.29 16.98 -7.10
CA GLY A 69 -7.74 18.23 -7.57
C GLY A 69 -6.97 19.01 -6.53
N ASP A 70 -7.19 18.72 -5.25
CA ASP A 70 -6.56 19.42 -4.14
C ASP A 70 -5.21 18.82 -3.76
N LYS A 71 -4.81 17.72 -4.39
CA LYS A 71 -3.65 16.96 -3.94
C LYS A 71 -2.53 17.00 -4.97
N ARG A 72 -1.30 16.86 -4.47
CA ARG A 72 -0.13 16.69 -5.30
C ARG A 72 -0.03 15.24 -5.76
N HIS A 73 0.52 15.03 -6.96
CA HIS A 73 0.61 13.71 -7.54
C HIS A 73 1.99 13.44 -8.12
N LEU A 74 2.44 12.20 -7.97
CA LEU A 74 3.57 11.69 -8.72
C LEU A 74 3.04 11.14 -10.05
N LEU A 75 3.72 11.47 -11.13
CA LEU A 75 3.39 10.94 -12.46
C LEU A 75 4.64 10.30 -13.04
N ARG A 76 4.54 9.03 -13.41
CA ARG A 76 5.66 8.28 -13.96
C ARG A 76 5.32 7.81 -15.36
N LEU A 77 6.21 8.07 -16.31
CA LEU A 77 6.08 7.60 -17.68
C LEU A 77 7.23 6.64 -17.97
N TYR A 78 6.89 5.43 -18.41
CA TYR A 78 7.84 4.38 -18.68
C TYR A 78 8.03 4.24 -20.19
N PHE A 79 9.29 4.21 -20.63
CA PHE A 79 9.61 4.15 -22.05
C PHE A 79 10.65 3.07 -22.30
N TYR A 80 10.38 2.22 -23.29
CA TYR A 80 11.32 1.17 -23.71
C TYR A 80 11.47 1.26 -25.21
N PRO A 81 12.50 1.96 -25.72
CA PRO A 81 12.65 2.13 -27.17
C PRO A 81 13.00 0.85 -27.87
N SER A 82 12.09 0.36 -28.72
CA SER A 82 12.30 -0.86 -29.49
C SER A 82 11.58 -0.70 -30.82
N THR A 83 11.56 -1.77 -31.59
CA THR A 83 10.79 -1.79 -32.84
C THR A 83 9.37 -2.25 -32.52
N TYR A 84 8.41 -1.34 -32.73
CA TYR A 84 6.99 -1.63 -32.51
C TYR A 84 6.26 -1.56 -33.83
N THR A 85 5.51 -2.61 -34.14
CA THR A 85 4.68 -2.69 -35.36
C THR A 85 5.47 -2.27 -36.60
N GLY A 86 6.74 -2.65 -36.64
CA GLY A 86 7.60 -2.40 -37.79
C GLY A 86 8.07 -0.97 -37.95
N LEU A 87 7.84 -0.11 -36.98
CA LEU A 87 8.27 1.28 -37.08
C LEU A 87 9.70 1.44 -36.59
N ASN A 88 10.42 2.36 -37.23
CA ASN A 88 11.76 2.73 -36.79
C ASN A 88 11.62 3.68 -35.61
N ILE A 89 12.17 3.28 -34.46
CA ILE A 89 12.06 4.07 -33.24
C ILE A 89 12.77 5.42 -33.36
N SER A 90 13.70 5.56 -34.31
CA SER A 90 14.39 6.83 -34.49
C SER A 90 13.48 7.91 -35.04
N ASN A 91 12.33 7.54 -35.62
CA ASN A 91 11.35 8.52 -36.07
C ASN A 91 10.48 9.05 -34.94
N SER A 92 10.60 8.50 -33.73
CA SER A 92 9.74 8.87 -32.62
C SER A 92 10.22 10.18 -32.01
N TYR A 93 9.42 11.24 -32.20
CA TYR A 93 9.60 12.52 -31.52
C TYR A 93 8.22 12.99 -31.13
N PHE A 94 8.01 13.32 -29.86
CA PHE A 94 6.66 13.69 -29.46
C PHE A 94 6.67 14.54 -28.20
N THR A 95 5.50 15.10 -27.92
CA THR A 95 5.25 15.95 -26.76
C THR A 95 4.28 15.23 -25.83
N VAL A 96 4.51 15.37 -24.52
CA VAL A 96 3.57 14.87 -23.52
C VAL A 96 3.21 16.03 -22.60
N GLU A 97 1.91 16.27 -22.45
CA GLU A 97 1.38 17.31 -21.57
C GLU A 97 0.54 16.67 -20.49
N ALA A 98 0.68 17.17 -19.26
CA ALA A 98 -0.18 16.79 -18.14
C ALA A 98 -0.96 18.05 -17.76
N ASN A 99 -2.23 18.09 -18.16
CA ASN A 99 -3.04 19.30 -18.07
C ASN A 99 -2.31 20.46 -18.73
N ASP A 100 -1.99 21.52 -17.98
CA ASP A 100 -1.35 22.69 -18.55
C ASP A 100 0.18 22.65 -18.46
N VAL A 101 0.76 21.53 -18.03
CA VAL A 101 2.20 21.42 -17.84
C VAL A 101 2.79 20.59 -18.97
N THR A 102 3.80 21.15 -19.64
CA THR A 102 4.51 20.41 -20.68
C THR A 102 5.66 19.64 -20.03
N LEU A 103 5.62 18.31 -20.17
CA LEU A 103 6.62 17.44 -19.58
C LEU A 103 7.74 17.12 -20.55
N LEU A 104 7.40 16.74 -21.78
CA LEU A 104 8.35 16.36 -22.80
C LEU A 104 8.00 17.07 -24.11
N SER A 105 9.01 17.35 -24.91
CA SER A 105 8.83 18.07 -26.17
C SER A 105 9.97 17.68 -27.11
N ASN A 106 9.62 17.30 -28.34
CA ASN A 106 10.58 16.71 -29.28
C ASN A 106 11.35 15.57 -28.63
N PHE A 107 10.69 14.84 -27.74
CA PHE A 107 11.35 13.83 -26.93
C PHE A 107 11.68 12.61 -27.77
N SER A 108 12.95 12.24 -27.80
CA SER A 108 13.42 11.04 -28.49
C SER A 108 13.90 10.06 -27.43
N ALA A 109 13.09 9.02 -27.18
CA ALA A 109 13.51 7.99 -26.23
C ALA A 109 14.73 7.25 -26.73
N ALA A 110 14.86 7.07 -28.04
CA ALA A 110 16.01 6.36 -28.60
C ALA A 110 17.31 7.12 -28.36
N ILE A 111 17.32 8.41 -28.68
CA ILE A 111 18.51 9.22 -28.46
C ILE A 111 18.81 9.34 -26.96
N THR A 112 17.78 9.57 -26.15
CA THR A 112 17.98 9.70 -24.71
C THR A 112 18.55 8.42 -24.12
N CYS A 113 18.07 7.27 -24.58
CA CYS A 113 18.54 6.00 -24.05
C CYS A 113 19.99 5.73 -24.47
N GLN A 114 20.35 6.09 -25.71
CA GLN A 114 21.70 5.82 -26.18
C GLN A 114 22.73 6.66 -25.42
N ALA A 115 22.42 7.93 -25.17
CA ALA A 115 23.37 8.79 -24.47
C ALA A 115 23.60 8.33 -23.03
N LEU A 116 22.62 7.66 -22.43
CA LEU A 116 22.75 7.20 -21.05
C LEU A 116 23.18 5.74 -20.97
N THR A 117 23.45 5.10 -22.10
CA THR A 117 23.81 3.68 -22.16
C THR A 117 22.81 2.85 -21.36
N GLN A 118 21.53 3.04 -21.68
CA GLN A 118 20.42 2.51 -20.91
C GLN A 118 19.33 2.06 -21.87
N ALA A 119 18.70 0.94 -21.56
CA ALA A 119 17.71 0.37 -22.45
C ALA A 119 16.31 0.86 -22.16
N TYR A 120 16.08 1.50 -21.02
CA TYR A 120 14.73 1.94 -20.66
C TYR A 120 14.83 3.26 -19.89
N LEU A 121 13.71 3.98 -19.86
CA LEU A 121 13.62 5.26 -19.16
C LEU A 121 12.38 5.27 -18.27
N VAL A 122 12.51 5.92 -17.12
CA VAL A 122 11.37 6.26 -16.27
C VAL A 122 11.44 7.76 -15.99
N LYS A 123 10.49 8.50 -16.53
CA LYS A 123 10.37 9.93 -16.25
C LYS A 123 9.38 10.12 -15.11
N GLU A 124 9.82 10.80 -14.05
CA GLU A 124 8.99 10.99 -12.87
C GLU A 124 8.80 12.48 -12.62
N TYR A 125 7.55 12.86 -12.36
CA TYR A 125 7.17 14.24 -12.11
C TYR A 125 6.36 14.33 -10.84
N SER A 126 6.44 15.49 -10.18
CA SER A 126 5.58 15.80 -9.05
C SER A 126 4.75 17.01 -9.45
N LEU A 127 3.47 16.78 -9.76
CA LEU A 127 2.60 17.82 -10.27
C LEU A 127 1.85 18.49 -9.12
N ALA A 128 1.91 19.81 -9.07
CA ALA A 128 1.19 20.58 -8.07
C ALA A 128 -0.31 20.37 -8.22
N PRO A 129 -1.09 20.63 -7.17
CA PRO A 129 -2.55 20.48 -7.26
C PRO A 129 -3.13 21.21 -8.46
N THR A 130 -3.99 20.51 -9.21
CA THR A 130 -4.58 21.05 -10.42
C THR A 130 -5.91 21.76 -10.18
N ASP A 131 -6.55 21.51 -9.04
CA ASP A 131 -7.91 21.98 -8.75
C ASP A 131 -8.89 21.50 -9.83
N LYS A 132 -8.54 20.40 -10.48
CA LYS A 132 -9.41 19.71 -11.42
C LYS A 132 -9.40 18.23 -11.07
N ASP A 133 -10.54 17.57 -11.24
CA ASP A 133 -10.67 16.18 -10.82
C ASP A 133 -10.32 15.19 -11.92
N VAL A 134 -9.72 15.66 -13.01
CA VAL A 134 -9.27 14.80 -14.10
C VAL A 134 -7.87 15.24 -14.51
N LEU A 135 -6.95 14.29 -14.59
CA LEU A 135 -5.61 14.53 -15.13
C LEU A 135 -5.62 14.10 -16.59
N SER A 136 -5.47 15.08 -17.49
CA SER A 136 -5.44 14.81 -18.93
C SER A 136 -3.98 14.70 -19.36
N ILE A 137 -3.59 13.51 -19.80
CA ILE A 137 -2.24 13.25 -20.31
C ILE A 137 -2.34 13.13 -21.82
N LYS A 138 -1.74 14.08 -22.55
CA LYS A 138 -1.87 14.16 -23.98
C LYS A 138 -0.53 13.84 -24.65
N PHE A 139 -0.55 12.89 -25.58
CA PHE A 139 0.61 12.53 -26.38
C PHE A 139 0.43 13.10 -27.78
N THR A 140 1.42 13.86 -28.25
CA THR A 140 1.35 14.52 -29.54
C THR A 140 2.60 14.23 -30.34
N PRO A 141 2.52 13.42 -31.41
CA PRO A 141 3.67 13.27 -32.30
C PRO A 141 4.10 14.62 -32.86
N SER A 142 5.40 14.75 -33.09
CA SER A 142 5.95 16.01 -33.57
C SER A 142 5.37 16.37 -34.94
N ASP A 143 5.01 17.64 -35.11
CA ASP A 143 4.60 18.15 -36.40
C ASP A 143 5.77 18.65 -37.23
N LYS A 144 6.99 18.52 -36.71
CA LYS A 144 8.20 18.96 -37.41
C LYS A 144 8.83 17.87 -38.26
N TYR A 145 8.60 16.62 -37.91
CA TYR A 145 9.17 15.48 -38.63
C TYR A 145 8.06 14.69 -39.29
N ARG A 146 8.27 14.32 -40.56
CA ARG A 146 7.39 13.38 -41.21
C ARG A 146 7.70 11.98 -40.71
N ASP A 147 6.65 11.19 -40.47
CA ASP A 147 6.69 9.84 -39.91
C ASP A 147 6.94 9.84 -38.40
N ALA A 148 6.73 10.97 -37.72
CA ALA A 148 6.87 11.01 -36.28
C ALA A 148 5.69 10.33 -35.61
N PHE A 149 5.97 9.59 -34.53
CA PHE A 149 4.92 8.93 -33.76
C PHE A 149 5.31 8.95 -32.29
N ALA A 150 4.32 8.70 -31.45
CA ALA A 150 4.49 8.63 -30.00
C ALA A 150 4.23 7.21 -29.51
N PHE A 151 4.77 6.92 -28.33
CA PHE A 151 4.56 5.62 -27.71
C PHE A 151 4.72 5.75 -26.21
N ILE A 152 4.15 4.78 -25.50
CA ILE A 152 4.21 4.73 -24.04
C ILE A 152 4.11 3.28 -23.60
N ASN A 153 4.90 2.92 -22.60
CA ASN A 153 4.91 1.56 -22.08
C ASN A 153 4.18 1.41 -20.75
N GLY A 154 4.27 2.42 -19.88
CA GLY A 154 3.56 2.38 -18.62
C GLY A 154 3.32 3.77 -18.10
N ILE A 155 2.25 3.93 -17.32
CA ILE A 155 1.90 5.20 -16.69
C ILE A 155 1.52 4.94 -15.25
N GLU A 156 2.10 5.69 -14.32
CA GLU A 156 1.75 5.63 -12.91
C GLU A 156 1.27 7.00 -12.45
N VAL A 157 0.17 7.03 -11.71
CA VAL A 157 -0.33 8.24 -11.08
C VAL A 157 -0.54 7.94 -9.60
N ILE A 158 0.19 8.65 -8.74
CA ILE A 158 0.24 8.35 -7.32
C ILE A 158 0.02 9.63 -6.54
N GLN A 159 -1.04 9.66 -5.74
CA GLN A 159 -1.24 10.77 -4.81
C GLN A 159 -0.13 10.79 -3.78
N MET A 160 0.38 11.99 -3.49
CA MET A 160 1.52 12.12 -2.58
C MET A 160 1.34 13.33 -1.68
N PRO A 161 1.96 13.33 -0.50
CA PRO A 161 1.87 14.50 0.37
C PRO A 161 2.64 15.69 -0.20
N GLU A 162 2.40 16.85 0.41
CA GLU A 162 3.10 18.08 0.01
C GLU A 162 4.48 18.09 0.68
N LEU A 163 5.43 17.43 0.02
CA LEU A 163 6.76 17.23 0.58
C LEU A 163 7.74 18.33 0.18
N PHE A 164 7.28 19.38 -0.48
CA PHE A 164 8.14 20.46 -0.93
C PHE A 164 7.68 21.79 -0.33
N ASP A 165 8.62 22.60 0.13
CA ASP A 165 8.28 23.91 0.65
C ASP A 165 9.17 24.97 0.00
N THR A 166 10.15 25.49 0.75
CA THR A 166 11.08 26.47 0.22
C THR A 166 12.48 25.88 0.16
N ALA A 167 13.34 26.54 -0.61
CA ALA A 167 14.71 26.11 -0.80
C ALA A 167 15.63 27.33 -0.79
N ALA A 168 16.78 27.19 -0.13
CA ALA A 168 17.72 28.30 -0.03
C ALA A 168 18.51 28.44 -1.32
N LEU A 169 18.50 29.65 -1.89
CA LEU A 169 19.24 29.91 -3.12
C LEU A 169 20.74 29.93 -2.82
N VAL A 170 21.48 29.06 -3.52
CA VAL A 170 22.91 28.90 -3.27
C VAL A 170 23.66 30.16 -3.69
N GLY A 171 24.61 30.58 -2.87
CA GLY A 171 25.42 31.74 -3.17
C GLY A 171 24.79 33.07 -2.85
N PHE A 172 23.57 33.07 -2.28
CA PHE A 172 22.89 34.28 -1.86
C PHE A 172 22.53 34.18 -0.39
N THR A 173 22.50 35.32 0.28
CA THR A 173 22.15 35.38 1.70
C THR A 173 20.67 35.75 1.84
N ASP A 174 19.92 34.91 2.53
CA ASP A 174 18.52 35.17 2.86
C ASP A 174 17.66 35.35 1.60
N GLN A 175 17.91 34.52 0.60
CA GLN A 175 17.07 34.45 -0.59
C GLN A 175 16.57 33.02 -0.75
N THR A 176 15.26 32.86 -0.85
CA THR A 176 14.65 31.55 -0.94
C THR A 176 13.87 31.40 -2.24
N MET A 177 13.69 30.15 -2.64
CA MET A 177 12.86 29.78 -3.77
C MET A 177 11.70 28.95 -3.24
N ASP A 178 10.48 29.30 -3.67
CA ASP A 178 9.28 28.59 -3.21
C ASP A 178 8.94 27.49 -4.19
N ALA A 179 8.85 26.26 -3.69
CA ALA A 179 8.48 25.11 -4.50
C ALA A 179 7.14 24.52 -4.08
N LYS A 180 6.44 25.17 -3.13
CA LYS A 180 5.22 24.61 -2.57
C LYS A 180 4.19 24.31 -3.66
N THR A 181 4.08 25.18 -4.66
CA THR A 181 3.12 24.98 -5.75
C THR A 181 3.81 24.75 -7.09
N ALA A 182 5.06 24.29 -7.07
CA ALA A 182 5.82 24.09 -8.29
C ALA A 182 5.57 22.69 -8.87
N ASN A 183 5.69 22.58 -10.19
CA ASN A 183 5.74 21.29 -10.84
C ASN A 183 7.20 20.90 -11.00
N LEU A 184 7.54 19.70 -10.56
CA LEU A 184 8.93 19.26 -10.50
C LEU A 184 9.13 18.00 -11.32
N GLN A 185 10.33 17.83 -11.84
CA GLN A 185 10.79 16.58 -12.43
C GLN A 185 11.89 16.02 -11.56
N SER A 186 11.73 14.75 -11.14
CA SER A 186 12.78 14.06 -10.41
C SER A 186 13.93 13.76 -11.34
N MET A 187 15.09 14.38 -11.09
CA MET A 187 16.24 14.15 -11.94
C MET A 187 17.08 12.99 -11.44
N PHE A 188 17.38 12.97 -10.14
CA PHE A 188 18.18 11.92 -9.52
C PHE A 188 17.68 11.70 -8.10
N ARG A 189 17.81 10.47 -7.62
CA ARG A 189 17.39 10.11 -6.28
C ARG A 189 18.33 9.03 -5.77
N LEU A 190 19.16 9.36 -4.78
CA LEU A 190 20.28 8.52 -4.39
C LEU A 190 20.24 8.15 -2.92
N ASN A 191 20.56 6.90 -2.63
CA ASN A 191 20.89 6.45 -1.28
C ASN A 191 22.41 6.58 -1.16
N VAL A 192 22.87 7.67 -0.54
CA VAL A 192 24.30 7.93 -0.50
C VAL A 192 24.95 6.98 0.51
N GLY A 193 25.95 6.23 0.04
CA GLY A 193 26.66 5.30 0.87
C GLY A 193 25.96 3.99 1.15
N GLY A 194 24.82 3.72 0.51
CA GLY A 194 24.06 2.52 0.77
C GLY A 194 23.61 1.84 -0.52
N GLN A 195 22.95 0.71 -0.35
CA GLN A 195 22.47 -0.10 -1.47
C GLN A 195 21.26 0.56 -2.13
N ASP A 196 20.97 0.12 -3.36
CA ASP A 196 19.71 0.46 -3.98
C ASP A 196 18.56 0.12 -3.06
N ILE A 197 17.58 1.01 -2.98
CA ILE A 197 16.36 0.78 -2.23
C ILE A 197 15.22 0.64 -3.24
N PRO A 198 14.64 -0.55 -3.41
CA PRO A 198 13.55 -0.70 -4.37
C PRO A 198 12.29 0.01 -3.88
N GLY A 199 11.37 0.23 -4.83
CA GLY A 199 10.12 0.89 -4.50
C GLY A 199 9.33 0.15 -3.44
N SER A 200 9.47 -1.17 -3.36
CA SER A 200 8.73 -1.94 -2.38
C SER A 200 9.14 -1.60 -0.95
N GLN A 201 10.35 -1.07 -0.76
CA GLN A 201 10.85 -0.69 0.55
C GLN A 201 10.80 0.81 0.79
N ASP A 202 10.25 1.58 -0.15
CA ASP A 202 10.14 3.02 0.03
C ASP A 202 9.06 3.34 1.07
N SER A 203 9.19 4.52 1.67
CA SER A 203 8.24 4.98 2.66
C SER A 203 7.09 5.73 1.99
N GLY A 204 6.05 5.99 2.78
CA GLY A 204 4.88 6.69 2.29
C GLY A 204 4.08 5.98 1.25
N GLY A 205 4.41 4.72 0.95
CA GLY A 205 3.76 4.03 -0.14
C GLY A 205 4.02 4.62 -1.50
N LEU A 206 5.08 5.43 -1.63
CA LEU A 206 5.35 6.15 -2.87
C LEU A 206 6.16 5.36 -3.89
N THR A 207 6.65 4.18 -3.50
CA THR A 207 7.39 3.27 -4.39
C THR A 207 8.46 3.99 -5.21
N ARG A 208 9.15 4.95 -4.58
CA ARG A 208 10.32 5.55 -5.19
C ARG A 208 11.52 4.63 -5.07
N THR A 209 12.38 4.63 -6.09
CA THR A 209 13.64 3.90 -6.05
C THR A 209 14.77 4.85 -5.68
N TRP A 210 15.57 4.46 -4.70
CA TRP A 210 16.75 5.22 -4.29
C TRP A 210 17.99 4.42 -4.71
N TYR A 211 18.80 5.02 -5.58
CA TYR A 211 19.94 4.33 -6.17
C TYR A 211 21.23 4.64 -5.41
N ASN A 212 22.17 3.71 -5.47
CA ASN A 212 23.48 3.94 -4.89
C ASN A 212 24.18 5.08 -5.63
N ASP A 213 24.96 5.88 -4.89
CA ASP A 213 25.49 7.12 -5.41
C ASP A 213 26.87 6.99 -6.04
N ALA A 214 27.51 5.82 -5.94
CA ALA A 214 28.88 5.67 -6.43
C ALA A 214 29.08 6.08 -7.89
N PRO A 215 28.19 5.77 -8.85
CA PRO A 215 28.44 6.18 -10.24
C PRO A 215 28.54 7.68 -10.44
N TYR A 216 28.09 8.49 -9.49
CA TYR A 216 28.07 9.94 -9.66
C TYR A 216 29.23 10.63 -8.95
N ILE A 217 30.09 9.88 -8.27
CA ILE A 217 31.26 10.48 -7.63
C ILE A 217 32.33 10.71 -8.69
N PHE A 218 32.86 11.93 -8.73
CA PHE A 218 33.91 12.28 -9.67
C PHE A 218 35.19 12.76 -8.99
N SER A 219 35.20 12.88 -7.67
CA SER A 219 36.44 13.17 -6.97
C SER A 219 37.30 11.91 -6.92
N ALA A 220 38.61 12.11 -6.85
CA ALA A 220 39.53 11.01 -6.67
C ALA A 220 39.34 10.42 -5.28
N GLY A 221 38.93 9.15 -5.22
CA GLY A 221 38.62 8.53 -3.96
C GLY A 221 37.15 8.67 -3.59
N LEU A 222 36.50 7.54 -3.29
CA LEU A 222 35.08 7.53 -3.00
C LEU A 222 34.77 7.74 -1.52
N GLY A 223 35.75 8.13 -0.72
CA GLY A 223 35.48 8.33 0.69
C GLY A 223 35.31 7.00 1.41
N VAL A 224 34.61 7.04 2.53
CA VAL A 224 34.36 5.86 3.35
C VAL A 224 32.86 5.76 3.61
N THR A 225 32.26 4.64 3.22
CA THR A 225 30.83 4.44 3.45
C THR A 225 30.60 3.92 4.86
N LEU A 226 29.53 4.41 5.49
CA LEU A 226 29.20 4.09 6.86
C LEU A 226 27.83 3.44 6.93
N GLN A 227 27.64 2.60 7.95
CA GLN A 227 26.36 1.94 8.19
C GLN A 227 26.07 1.99 9.69
N ALA A 228 24.83 2.33 10.04
CA ALA A 228 24.43 2.36 11.44
C ALA A 228 24.46 0.96 12.03
N SER A 229 24.54 0.91 13.35
CA SER A 229 24.64 -0.36 14.05
C SER A 229 23.35 -1.18 13.89
N ASN A 230 23.43 -2.45 14.28
CA ASN A 230 22.26 -3.31 14.25
C ASN A 230 21.15 -2.75 15.14
N ASN A 231 19.93 -2.74 14.61
CA ASN A 231 18.74 -2.29 15.32
C ASN A 231 18.80 -0.82 15.72
N PHE A 232 19.67 -0.04 15.08
CA PHE A 232 19.67 1.40 15.28
C PHE A 232 18.35 1.98 14.79
N ARG A 233 17.72 2.82 15.60
CA ARG A 233 16.42 3.37 15.30
C ARG A 233 16.54 4.83 14.86
N ILE A 234 15.90 5.16 13.75
CA ILE A 234 15.85 6.53 13.27
C ILE A 234 14.64 7.21 13.89
N ASN A 235 14.88 8.32 14.59
CA ASN A 235 13.86 9.01 15.36
C ASN A 235 13.34 10.19 14.54
N TYR A 236 12.32 9.92 13.74
CA TYR A 236 11.82 10.94 12.81
C TYR A 236 11.27 12.17 13.52
N GLN A 237 10.74 12.00 14.73
CA GLN A 237 10.09 13.08 15.49
C GLN A 237 8.94 13.61 14.64
N ASN A 238 8.91 14.88 14.26
CA ASN A 238 7.81 15.46 13.50
C ASN A 238 8.08 15.49 12.00
N MET A 239 9.24 15.03 11.54
CA MET A 239 9.47 14.94 10.10
C MET A 239 8.67 13.79 9.52
N PRO A 240 7.91 14.00 8.45
CA PRO A 240 7.11 12.91 7.88
C PRO A 240 8.00 11.79 7.35
N VAL A 241 7.60 10.55 7.64
CA VAL A 241 8.35 9.41 7.14
C VAL A 241 8.30 9.33 5.62
N SER A 242 7.32 9.99 4.99
CA SER A 242 7.24 10.01 3.54
C SER A 242 8.42 10.75 2.91
N ILE A 243 9.16 11.54 3.68
CA ILE A 243 10.30 12.26 3.12
C ILE A 243 11.30 11.29 2.53
N ALA A 244 11.62 10.23 3.27
CA ALA A 244 12.58 9.22 2.84
C ALA A 244 12.52 8.03 3.79
N PRO A 245 12.74 6.81 3.30
CA PRO A 245 12.69 5.63 4.17
C PRO A 245 13.86 5.59 5.13
N ALA A 246 13.70 4.78 6.18
CA ALA A 246 14.70 4.71 7.24
C ALA A 246 16.06 4.27 6.70
N ASP A 247 16.07 3.36 5.74
CA ASP A 247 17.33 2.83 5.23
C ASP A 247 18.20 3.90 4.59
N ILE A 248 17.60 4.99 4.11
CA ILE A 248 18.38 6.13 3.62
C ILE A 248 19.28 6.66 4.72
N TYR A 249 18.70 6.86 5.91
CA TYR A 249 19.40 7.49 7.01
C TYR A 249 20.31 6.54 7.77
N LYS A 250 20.18 5.22 7.55
CA LYS A 250 21.05 4.23 8.18
C LYS A 250 22.39 4.06 7.47
N THR A 251 22.60 4.72 6.34
CA THR A 251 23.87 4.64 5.64
C THR A 251 24.29 6.04 5.21
N ALA A 252 25.59 6.22 5.04
CA ALA A 252 26.14 7.51 4.63
C ALA A 252 27.48 7.28 3.96
N ARG A 253 27.88 8.27 3.17
CA ARG A 253 29.23 8.34 2.64
C ARG A 253 29.96 9.48 3.32
N SER A 254 31.14 9.21 3.84
CA SER A 254 31.97 10.21 4.50
C SER A 254 33.30 10.31 3.77
N GLN A 255 34.14 11.25 4.22
CA GLN A 255 35.45 11.38 3.60
C GLN A 255 36.43 10.36 4.18
N GLY A 256 36.35 10.09 5.48
CA GLY A 256 37.17 9.06 6.08
C GLY A 256 37.80 9.47 7.40
N PRO A 257 38.62 8.59 7.96
CA PRO A 257 39.19 8.84 9.29
C PRO A 257 40.43 9.73 9.32
N ASN A 258 41.04 10.02 8.18
CA ASN A 258 42.27 10.81 8.13
C ASN A 258 41.91 12.27 7.87
N GLY A 259 41.94 13.08 8.93
CA GLY A 259 41.55 14.47 8.80
C GLY A 259 42.44 15.27 7.88
N ASP A 260 43.74 14.93 7.81
CA ASP A 260 44.65 15.70 6.97
C ASP A 260 44.31 15.53 5.49
N ILE A 261 44.04 14.30 5.07
CA ILE A 261 43.65 14.08 3.67
C ILE A 261 42.27 14.68 3.40
N ASN A 262 41.37 14.62 4.39
CA ASN A 262 40.05 15.22 4.22
C ASN A 262 40.15 16.71 3.98
N LEU A 263 41.04 17.39 4.71
CA LEU A 263 41.18 18.84 4.57
C LEU A 263 41.75 19.23 3.21
N LYS A 264 42.32 18.29 2.48
CA LYS A 264 42.96 18.59 1.19
C LYS A 264 42.11 18.17 0.00
N SER A 265 40.84 17.84 0.20
CA SER A 265 40.03 17.39 -0.93
C SER A 265 38.56 17.66 -0.67
N ASN A 266 37.79 17.67 -1.75
CA ASN A 266 36.34 17.78 -1.73
C ASN A 266 35.75 16.44 -2.14
N LEU A 267 34.79 15.96 -1.37
CA LEU A 267 33.94 14.87 -1.83
C LEU A 267 32.99 15.44 -2.89
N THR A 268 33.02 14.87 -4.10
CA THR A 268 32.42 15.52 -5.26
C THR A 268 31.48 14.59 -6.00
N TRP A 269 30.23 15.01 -6.17
CA TRP A 269 29.27 14.38 -7.06
C TRP A 269 29.00 15.30 -8.24
N MET A 270 28.73 14.70 -9.40
CA MET A 270 28.42 15.48 -10.59
C MET A 270 27.25 14.84 -11.33
N PHE A 271 26.37 15.67 -11.88
CA PHE A 271 25.13 15.21 -12.50
C PHE A 271 24.87 15.98 -13.79
N GLN A 272 24.48 15.28 -14.85
CA GLN A 272 24.09 15.93 -16.08
C GLN A 272 22.63 16.35 -16.01
N ILE A 273 22.37 17.62 -16.34
CA ILE A 273 21.02 18.16 -16.26
C ILE A 273 20.73 19.02 -17.49
N ASP A 274 19.57 19.67 -17.49
CA ASP A 274 19.15 20.53 -18.60
C ASP A 274 19.37 21.98 -18.23
N LYS A 275 19.98 22.74 -19.15
CA LYS A 275 20.27 24.14 -18.89
C LYS A 275 19.00 24.97 -18.83
N ASN A 276 19.11 26.14 -18.21
CA ASN A 276 18.05 27.15 -18.15
C ASN A 276 16.87 26.68 -17.29
N PHE A 277 17.17 25.98 -16.21
CA PHE A 277 16.17 25.62 -15.20
C PHE A 277 16.76 25.88 -13.83
N THR A 278 15.89 26.14 -12.86
CA THR A 278 16.28 26.15 -11.46
C THR A 278 16.10 24.75 -10.90
N TYR A 279 17.12 24.25 -10.20
CA TYR A 279 17.09 22.92 -9.62
C TYR A 279 17.12 23.01 -8.11
N ILE A 280 16.43 22.07 -7.47
CA ILE A 280 16.45 21.93 -6.02
C ILE A 280 17.26 20.69 -5.67
N LEU A 281 18.25 20.86 -4.80
CA LEU A 281 19.02 19.75 -4.26
C LEU A 281 18.56 19.52 -2.82
N ARG A 282 18.02 18.34 -2.56
CA ARG A 282 17.60 17.96 -1.21
C ARG A 282 18.66 17.02 -0.66
N LEU A 283 19.38 17.47 0.37
CA LEU A 283 20.43 16.70 1.01
C LEU A 283 19.87 16.08 2.29
N HIS A 284 19.94 14.75 2.39
CA HIS A 284 19.44 14.03 3.55
C HIS A 284 20.59 13.73 4.51
N PHE A 285 20.39 14.02 5.80
CA PHE A 285 21.41 13.80 6.81
C PHE A 285 20.83 13.06 7.99
N CYS A 286 21.66 12.21 8.59
CA CYS A 286 21.36 11.60 9.88
C CYS A 286 22.67 11.12 10.48
N GLU A 287 23.01 11.65 11.67
CA GLU A 287 24.23 11.26 12.37
C GLU A 287 23.96 10.02 13.20
N PHE A 288 24.66 8.92 12.89
CA PHE A 288 24.46 7.67 13.63
C PHE A 288 25.73 7.13 14.28
N GLN A 289 26.81 7.89 14.28
CA GLN A 289 27.98 7.51 15.04
C GLN A 289 28.38 8.56 16.06
N LEU A 290 28.50 9.82 15.64
CA LEU A 290 28.82 10.88 16.59
C LEU A 290 27.59 11.30 17.42
N SER A 291 27.81 12.07 18.49
CA SER A 291 26.74 12.37 19.42
C SER A 291 26.63 13.82 19.85
N LYS A 292 27.61 14.67 19.52
CA LYS A 292 27.65 16.02 20.04
C LYS A 292 27.86 17.03 18.93
N ILE A 293 27.42 18.26 19.22
CA ILE A 293 27.67 19.37 18.31
C ILE A 293 29.18 19.63 18.22
N ASN A 294 29.60 20.14 17.07
CA ASN A 294 30.99 20.55 16.81
C ASN A 294 31.94 19.35 16.84
N GLN A 295 31.44 18.17 16.51
CA GLN A 295 32.31 17.02 16.26
C GLN A 295 32.63 16.87 14.77
N LYS A 296 31.60 17.01 13.92
CA LYS A 296 31.75 16.92 12.47
C LYS A 296 31.13 18.16 11.86
N VAL A 297 31.97 19.00 11.26
CA VAL A 297 31.54 20.30 10.73
C VAL A 297 32.16 20.46 9.35
N PHE A 298 31.34 20.74 8.34
CA PHE A 298 31.83 20.69 6.97
C PHE A 298 31.17 21.74 6.09
N ASN A 299 31.91 22.19 5.08
CA ASN A 299 31.39 23.09 4.06
C ASN A 299 30.75 22.29 2.94
N ILE A 300 29.73 22.88 2.31
CA ILE A 300 29.05 22.29 1.17
C ILE A 300 28.99 23.33 0.07
N TYR A 301 29.37 22.93 -1.14
CA TYR A 301 29.34 23.82 -2.30
C TYR A 301 28.50 23.19 -3.40
N ILE A 302 27.74 24.03 -4.11
CA ILE A 302 26.95 23.59 -5.26
C ILE A 302 27.32 24.47 -6.45
N ASN A 303 27.80 23.86 -7.52
CA ASN A 303 28.26 24.58 -8.70
C ASN A 303 29.27 25.67 -8.33
N ASN A 304 30.22 25.31 -7.47
CA ASN A 304 31.30 26.19 -7.03
C ASN A 304 30.81 27.40 -6.23
N ARG A 305 29.57 27.36 -5.76
CA ARG A 305 29.02 28.44 -4.94
C ARG A 305 28.66 27.91 -3.56
N THR A 306 28.57 28.82 -2.60
CA THR A 306 28.46 28.44 -1.19
C THR A 306 27.04 28.00 -0.85
N ALA A 307 26.92 26.79 -0.30
CA ALA A 307 25.71 26.30 0.36
C ALA A 307 26.16 25.69 1.69
N GLN A 308 26.21 26.52 2.73
CA GLN A 308 26.84 26.23 4.04
C GLN A 308 28.34 26.32 3.96
N ALA A 309 28.89 27.46 4.36
CA ALA A 309 30.33 27.65 4.50
C ALA A 309 30.53 28.81 5.45
N ASP A 310 31.76 29.33 5.50
CA ASP A 310 32.12 30.51 6.30
C ASP A 310 31.76 30.22 7.75
N THR A 311 31.01 31.07 8.45
CA THR A 311 30.70 30.86 9.85
C THR A 311 29.42 30.06 10.08
N THR A 312 28.78 29.58 9.02
CA THR A 312 27.61 28.70 9.16
C THR A 312 27.79 27.43 8.33
N PRO A 313 28.83 26.64 8.60
CA PRO A 313 28.99 25.36 7.90
C PRO A 313 28.00 24.34 8.44
N ALA A 314 27.95 23.20 7.74
CA ALA A 314 27.04 22.14 8.11
C ALA A 314 27.53 21.37 9.32
N ASP A 315 26.62 21.08 10.24
CA ASP A 315 26.88 20.23 11.40
C ASP A 315 25.56 19.53 11.69
N ILE A 316 25.52 18.21 11.48
CA ILE A 316 24.25 17.48 11.53
C ILE A 316 23.66 17.55 12.93
N ILE A 317 24.48 17.26 13.95
CA ILE A 317 24.00 17.36 15.33
C ILE A 317 23.66 18.81 15.67
N GLY A 318 24.43 19.76 15.15
CA GLY A 318 24.09 21.16 15.34
C GLY A 318 22.71 21.49 14.80
N TRP A 319 22.32 20.85 13.70
CA TRP A 319 21.00 21.05 13.13
C TRP A 319 19.92 20.24 13.86
N THR A 320 20.21 18.96 14.12
CA THR A 320 19.18 18.04 14.62
C THR A 320 19.11 17.99 16.14
N GLY A 321 20.22 18.23 16.82
CA GLY A 321 20.25 18.22 18.27
C GLY A 321 20.55 16.88 18.90
N GLU A 322 20.43 15.79 18.16
CA GLU A 322 20.65 14.47 18.75
C GLU A 322 20.95 13.47 17.65
N LYS A 323 21.84 12.52 17.94
CA LYS A 323 22.16 11.48 16.98
C LYS A 323 20.95 10.57 16.76
N GLY A 324 20.78 10.12 15.52
CA GLY A 324 19.66 9.30 15.16
C GLY A 324 18.45 10.05 14.61
N ILE A 325 18.44 11.38 14.70
CA ILE A 325 17.33 12.19 14.19
C ILE A 325 17.62 12.51 12.73
N PRO A 326 16.73 12.19 11.80
CA PRO A 326 16.96 12.51 10.39
C PRO A 326 16.51 13.91 10.05
N MET A 327 17.01 14.40 8.92
CA MET A 327 16.71 15.75 8.46
C MET A 327 17.06 15.86 6.99
N TYR A 328 16.58 16.93 6.37
CA TYR A 328 16.98 17.28 5.02
C TYR A 328 17.13 18.80 4.92
N LYS A 329 17.89 19.23 3.94
CA LYS A 329 18.07 20.64 3.63
C LYS A 329 17.92 20.83 2.13
N ASP A 330 17.09 21.77 1.73
CA ASP A 330 16.83 22.05 0.32
C ASP A 330 17.61 23.29 -0.12
N TYR A 331 18.36 23.16 -1.21
CA TYR A 331 19.08 24.26 -1.81
C TYR A 331 18.65 24.39 -3.26
N ALA A 332 18.64 25.63 -3.76
CA ALA A 332 18.19 25.92 -5.11
C ALA A 332 19.32 26.58 -5.91
N ILE A 333 19.40 26.26 -7.20
CA ILE A 333 20.41 26.87 -8.06
C ILE A 333 19.84 26.95 -9.48
N TYR A 334 20.00 28.11 -10.11
CA TYR A 334 19.68 28.26 -11.52
C TYR A 334 20.92 27.90 -12.34
N VAL A 335 20.74 27.03 -13.32
CA VAL A 335 21.83 26.54 -14.14
C VAL A 335 21.69 27.11 -15.54
N ASP A 336 22.69 27.86 -15.98
CA ASP A 336 22.76 28.33 -17.36
C ASP A 336 24.21 28.18 -17.83
N ALA A 337 24.53 28.87 -18.93
CA ALA A 337 25.88 28.79 -19.49
C ALA A 337 26.87 29.58 -18.64
N GLY A 341 27.62 24.85 -16.64
CA GLY A 341 27.17 24.46 -17.97
C GLY A 341 25.86 23.71 -17.92
N GLU A 342 25.89 22.43 -18.25
CA GLU A 342 24.73 21.57 -18.15
C GLU A 342 24.95 20.44 -17.14
N GLU A 343 25.76 20.71 -16.12
CA GLU A 343 25.93 19.76 -15.04
C GLU A 343 25.87 20.47 -13.69
N ILE A 344 25.45 19.72 -12.68
CA ILE A 344 25.40 20.17 -11.29
C ILE A 344 26.47 19.42 -10.52
N THR A 345 27.29 20.16 -9.78
CA THR A 345 28.34 19.57 -8.95
C THR A 345 28.03 19.85 -7.49
N LEU A 346 28.11 18.81 -6.65
CA LEU A 346 27.95 18.92 -5.21
C LEU A 346 29.26 18.54 -4.56
N GLN A 347 29.77 19.41 -3.67
CA GLN A 347 31.08 19.21 -3.05
C GLN A 347 30.98 19.45 -1.56
N MET A 348 31.69 18.63 -0.79
CA MET A 348 31.80 18.83 0.65
C MET A 348 33.22 18.56 1.12
N THR A 349 33.64 19.31 2.13
CA THR A 349 34.99 19.29 2.67
C THR A 349 34.90 19.76 4.12
N PRO A 350 35.83 19.34 4.98
CA PRO A 350 35.73 19.75 6.39
C PRO A 350 35.90 21.26 6.52
N SER A 351 35.26 21.80 7.56
CA SER A 351 35.42 23.20 7.92
C SER A 351 36.39 23.31 9.08
N THR A 352 37.22 24.36 9.07
CA THR A 352 38.09 24.65 10.19
C THR A 352 37.47 25.63 11.17
N PHE A 353 36.26 26.12 10.87
CA PHE A 353 35.63 27.10 11.74
C PHE A 353 35.19 26.47 13.05
N GLY A 354 35.53 27.13 14.16
CA GLY A 354 35.08 26.66 15.46
C GLY A 354 35.84 25.49 16.02
N GLN A 355 36.94 25.07 15.37
CA GLN A 355 37.82 24.02 15.86
C GLN A 355 37.05 22.74 16.19
N PRO A 356 36.50 22.05 15.19
CA PRO A 356 35.74 20.84 15.47
C PRO A 356 36.64 19.69 15.89
N GLU A 357 36.03 18.72 16.60
CA GLU A 357 36.79 17.58 17.07
C GLU A 357 37.40 16.80 15.92
N TYR A 358 36.64 16.59 14.86
CA TYR A 358 37.09 15.87 13.67
C TYR A 358 37.05 16.78 12.46
N TYR A 359 37.74 16.37 11.40
CA TYR A 359 37.73 17.05 10.11
C TYR A 359 37.20 16.06 9.10
N ASP A 360 35.88 16.09 8.89
CA ASP A 360 35.19 15.10 8.09
C ASP A 360 33.93 15.72 7.51
N SER A 361 33.24 14.96 6.67
CA SER A 361 31.95 15.36 6.10
C SER A 361 31.17 14.10 5.80
N SER A 362 29.85 14.23 5.75
CA SER A 362 29.03 13.05 5.47
C SER A 362 27.71 13.48 4.84
N LEU A 363 27.07 12.51 4.20
CA LEU A 363 25.79 12.72 3.52
C LEU A 363 25.09 11.37 3.46
N ASN A 364 23.78 11.36 3.70
CA ASN A 364 23.01 10.12 3.77
C ASN A 364 22.13 9.88 2.55
N GLY A 365 21.63 10.93 1.90
CA GLY A 365 20.82 10.78 0.71
C GLY A 365 20.80 12.05 -0.10
N LEU A 366 20.38 11.93 -1.36
CA LEU A 366 20.39 13.07 -2.25
C LEU A 366 19.30 12.94 -3.29
N GLU A 367 18.51 14.01 -3.45
CA GLU A 367 17.51 14.11 -4.51
C GLU A 367 17.71 15.43 -5.24
N ILE A 368 17.54 15.40 -6.56
CA ILE A 368 17.66 16.59 -7.40
C ILE A 368 16.39 16.73 -8.21
N PHE A 369 15.74 17.89 -8.10
CA PHE A 369 14.49 18.17 -8.79
C PHE A 369 14.65 19.38 -9.69
N LYS A 370 14.08 19.31 -10.89
CA LYS A 370 13.99 20.46 -11.78
C LYS A 370 12.65 21.15 -11.54
N MET A 371 12.69 22.46 -11.31
CA MET A 371 11.46 23.23 -11.20
C MET A 371 10.98 23.68 -12.57
N ASP A 372 9.66 23.75 -12.72
CA ASP A 372 9.09 24.18 -13.99
C ASP A 372 9.22 25.69 -14.15
N THR A 373 9.42 26.12 -15.40
CA THR A 373 9.49 27.52 -15.78
C THR A 373 8.39 27.77 -16.79
N MET A 374 7.41 28.58 -16.40
CA MET A 374 6.21 28.83 -17.20
C MET A 374 5.59 27.53 -17.70
N LYS A 375 5.31 26.65 -16.76
CA LYS A 375 4.58 25.40 -17.00
C LYS A 375 5.34 24.47 -17.96
N ASN A 376 6.66 24.58 -18.02
CA ASN A 376 7.45 23.69 -18.87
C ASN A 376 8.52 22.98 -18.06
N LEU A 377 8.64 21.67 -18.28
CA LEU A 377 9.73 20.89 -17.72
C LEU A 377 10.55 20.19 -18.78
N ALA A 378 10.21 20.38 -20.06
CA ALA A 378 10.85 19.64 -21.14
C ALA A 378 12.21 20.26 -21.47
N GLY A 379 13.21 19.39 -21.60
CA GLY A 379 14.53 19.80 -22.03
C GLY A 379 14.87 19.19 -23.38
N PRO A 380 16.07 19.50 -23.87
CA PRO A 380 16.50 18.90 -25.14
C PRO A 380 16.95 17.46 -24.96
N ASN A 381 17.03 16.76 -26.09
CA ASN A 381 17.60 15.43 -26.07
C ASN A 381 19.11 15.50 -25.86
N PRO A 382 19.69 14.57 -25.12
CA PRO A 382 21.15 14.59 -24.92
C PRO A 382 21.90 14.24 -26.20
N GLU A 383 23.19 14.52 -26.18
CA GLU A 383 24.02 14.16 -27.33
C GLU A 383 24.64 12.79 -27.11
N PRO A 384 24.68 11.93 -28.15
CA PRO A 384 25.21 10.57 -28.04
C PRO A 384 26.70 10.55 -27.70
N ASP B 1 3.35 -4.58 1.94
CA ASP B 1 2.60 -5.33 2.95
C ASP B 1 3.55 -5.98 3.95
N LEU B 2 3.16 -5.96 5.22
CA LEU B 2 4.03 -6.36 6.32
C LEU B 2 3.42 -7.51 7.10
N ALA B 3 4.25 -8.50 7.41
CA ALA B 3 3.90 -9.60 8.32
C ALA B 3 4.97 -9.64 9.40
N LEU B 4 4.65 -9.09 10.57
CA LEU B 4 5.59 -8.99 11.68
C LEU B 4 5.30 -10.11 12.68
N SER B 5 6.30 -10.95 12.95
CA SER B 5 6.18 -11.94 14.03
C SER B 5 6.83 -11.32 15.26
N CYS B 6 6.01 -10.95 16.24
CA CYS B 6 6.53 -10.20 17.37
C CYS B 6 7.33 -11.09 18.30
N GLY B 7 8.44 -10.56 18.80
CA GLY B 7 9.31 -11.32 19.67
C GLY B 7 10.34 -12.17 18.96
N THR B 8 10.51 -12.01 17.66
CA THR B 8 11.53 -12.72 16.91
C THR B 8 12.66 -11.76 16.53
N SER B 9 13.81 -12.34 16.19
CA SER B 9 14.96 -11.58 15.74
C SER B 9 15.42 -11.99 14.34
N GLU B 10 14.83 -13.02 13.75
CA GLU B 10 15.18 -13.46 12.41
C GLU B 10 13.91 -13.74 11.62
N ALA B 11 14.02 -13.60 10.29
CA ALA B 11 12.89 -13.86 9.42
C ALA B 11 12.44 -15.30 9.55
N SER B 12 11.13 -15.52 9.35
CA SER B 12 10.53 -16.84 9.49
C SER B 12 9.44 -16.99 8.45
N ALA B 13 8.92 -18.22 8.33
CA ALA B 13 7.84 -18.53 7.42
C ALA B 13 6.91 -19.53 8.08
N ASP B 14 5.62 -19.43 7.78
CA ASP B 14 4.61 -20.29 8.38
C ASP B 14 4.33 -21.49 7.46
N GLN B 15 3.22 -22.18 7.74
CA GLN B 15 2.86 -23.38 6.99
C GLN B 15 2.21 -23.07 5.65
N ASP B 16 1.82 -21.82 5.40
CA ASP B 16 1.15 -21.43 4.17
C ASP B 16 2.03 -20.57 3.28
N LYS B 17 3.36 -20.70 3.41
CA LYS B 17 4.35 -20.03 2.57
C LYS B 17 4.30 -18.51 2.72
N LYS B 18 3.80 -18.00 3.84
CA LYS B 18 3.85 -16.57 4.12
C LYS B 18 5.12 -16.26 4.89
N LYS B 19 5.85 -15.25 4.46
CA LYS B 19 7.09 -14.84 5.10
C LYS B 19 6.83 -13.81 6.18
N TRP B 20 7.48 -13.99 7.33
CA TRP B 20 7.35 -13.09 8.46
C TRP B 20 8.73 -12.53 8.82
N GLU B 21 8.74 -11.32 9.37
CA GLU B 21 9.97 -10.65 9.76
C GLU B 21 9.83 -10.12 11.19
N PRO B 22 10.95 -9.88 11.87
CA PRO B 22 10.88 -9.37 13.24
C PRO B 22 10.18 -8.02 13.31
N ASP B 23 9.57 -7.76 14.47
CA ASP B 23 8.82 -6.53 14.70
C ASP B 23 9.65 -5.41 15.29
N THR B 24 10.91 -5.68 15.64
CA THR B 24 11.68 -4.75 16.47
C THR B 24 11.83 -3.39 15.81
N LYS B 25 12.16 -3.37 14.52
CA LYS B 25 12.44 -2.10 13.85
C LYS B 25 11.22 -1.22 13.70
N PHE B 26 10.01 -1.73 13.95
CA PHE B 26 8.79 -0.94 13.90
C PHE B 26 8.29 -0.54 15.29
N LEU B 27 8.93 -1.03 16.35
CA LEU B 27 8.52 -0.72 17.71
C LEU B 27 9.18 0.58 18.16
N LYS B 28 8.35 1.54 18.58
CA LYS B 28 8.85 2.85 18.99
C LYS B 28 9.30 2.88 20.44
N THR B 29 8.58 2.19 21.32
CA THR B 29 8.82 2.25 22.75
C THR B 29 9.77 1.14 23.21
N GLY B 30 10.54 1.44 24.26
CA GLY B 30 11.50 0.49 24.79
C GLY B 30 10.95 -0.33 25.94
N ASN B 31 11.85 -1.11 26.55
CA ASN B 31 11.57 -1.89 27.75
C ASN B 31 10.43 -2.90 27.56
N SER B 32 10.28 -3.40 26.34
CA SER B 32 9.39 -4.52 26.12
C SER B 32 10.10 -5.83 26.49
N ILE B 33 9.31 -6.88 26.62
CA ILE B 33 9.82 -8.22 26.90
C ILE B 33 9.45 -9.12 25.73
N HIS B 34 10.38 -9.96 25.29
CA HIS B 34 10.08 -10.99 24.31
C HIS B 34 10.18 -12.36 24.98
N ALA B 35 9.30 -13.27 24.58
CA ALA B 35 9.24 -14.58 25.23
C ALA B 35 8.81 -15.61 24.20
N THR B 36 9.20 -16.85 24.45
CA THR B 36 8.78 -17.98 23.65
C THR B 36 7.91 -18.89 24.51
N ALA B 37 6.79 -19.34 23.95
CA ALA B 37 5.87 -20.19 24.69
C ALA B 37 6.54 -21.52 25.04
N THR B 38 6.18 -22.05 26.20
CA THR B 38 6.73 -23.31 26.68
C THR B 38 5.88 -24.52 26.30
N TYR B 39 4.75 -24.30 25.63
CA TYR B 39 3.89 -25.37 25.17
C TYR B 39 3.42 -25.04 23.76
N GLN B 40 3.62 -25.98 22.84
CA GLN B 40 3.16 -25.84 21.47
C GLN B 40 1.91 -26.68 21.29
N ASP B 41 0.76 -26.02 21.25
CA ASP B 41 -0.50 -26.73 21.10
C ASP B 41 -0.52 -27.49 19.79
N PRO B 42 -0.89 -28.76 19.78
CA PRO B 42 -0.88 -29.53 18.52
C PRO B 42 -1.87 -29.02 17.47
N SER B 43 -2.83 -28.17 17.86
CA SER B 43 -3.75 -27.60 16.89
C SER B 43 -3.16 -26.40 16.14
N LEU B 44 -1.98 -25.92 16.55
CA LEU B 44 -1.33 -24.84 15.81
C LEU B 44 -0.98 -25.33 14.41
N LEU B 45 -1.36 -24.54 13.41
CA LEU B 45 -0.97 -24.86 12.03
C LEU B 45 0.51 -24.55 11.79
N SER B 46 1.11 -23.70 12.62
CA SER B 46 2.51 -23.35 12.49
C SER B 46 2.98 -22.72 13.80
N THR B 47 4.28 -22.80 14.03
CA THR B 47 4.90 -22.08 15.14
C THR B 47 5.07 -20.59 14.85
N VAL B 48 4.83 -20.17 13.62
CA VAL B 48 5.00 -18.78 13.20
C VAL B 48 3.62 -18.20 12.93
N PRO B 49 3.26 -17.07 13.56
CA PRO B 49 4.06 -16.29 14.51
C PRO B 49 3.77 -16.60 15.98
N TYR B 50 3.01 -17.67 16.23
CA TYR B 50 2.34 -17.83 17.52
C TYR B 50 3.32 -18.10 18.66
N MET B 51 4.38 -18.86 18.43
CA MET B 51 5.19 -19.32 19.54
C MET B 51 6.07 -18.24 20.15
N THR B 52 6.16 -17.07 19.54
CA THR B 52 6.94 -15.95 20.06
C THR B 52 6.00 -14.77 20.32
N ALA B 53 6.24 -14.06 21.41
CA ALA B 53 5.40 -12.95 21.81
C ALA B 53 6.26 -11.78 22.28
N ARG B 54 5.69 -10.59 22.18
CA ARG B 54 6.23 -9.41 22.84
C ARG B 54 5.26 -8.97 23.91
N ILE B 55 5.79 -8.58 25.07
CA ILE B 55 5.00 -8.25 26.25
C ILE B 55 5.28 -6.81 26.65
N PHE B 56 4.22 -6.06 26.97
CA PHE B 56 4.32 -4.66 27.33
C PHE B 56 3.76 -4.46 28.73
N THR B 57 4.58 -3.89 29.63
CA THR B 57 4.14 -3.51 30.96
C THR B 57 3.76 -2.05 31.07
N ALA B 58 3.85 -1.31 29.96
CA ALA B 58 3.45 0.09 29.89
C ALA B 58 2.92 0.33 28.49
N PRO B 59 2.26 1.47 28.26
CA PRO B 59 1.78 1.77 26.90
C PRO B 59 2.92 1.70 25.89
N ALA B 60 2.66 1.02 24.77
CA ALA B 60 3.68 0.77 23.75
C ALA B 60 3.08 0.99 22.37
N THR B 61 3.88 1.52 21.45
CA THR B 61 3.37 1.91 20.14
C THR B 61 4.27 1.37 19.04
N TYR B 62 3.66 0.70 18.07
CA TYR B 62 4.30 0.42 16.79
C TYR B 62 4.00 1.56 15.83
N GLU B 63 4.99 1.91 15.00
CA GLU B 63 4.81 2.93 13.98
C GLU B 63 5.16 2.30 12.64
N ILE B 64 4.14 2.08 11.82
CA ILE B 64 4.29 1.34 10.57
C ILE B 64 4.06 2.31 9.41
N PRO B 65 5.04 2.50 8.53
CA PRO B 65 4.85 3.40 7.39
C PRO B 65 3.78 2.87 6.45
N ILE B 66 2.82 3.73 6.11
CA ILE B 66 1.70 3.36 5.24
C ILE B 66 1.47 4.50 4.26
N LYS B 67 0.56 4.25 3.31
CA LYS B 67 0.07 5.27 2.40
C LYS B 67 -1.25 5.82 2.96
N GLY B 68 -1.30 7.14 3.14
CA GLY B 68 -2.39 7.74 3.90
C GLY B 68 -3.76 7.62 3.25
N ASP B 69 -3.83 7.54 1.92
CA ASP B 69 -5.12 7.48 1.25
C ASP B 69 -5.62 6.06 1.03
N LYS B 70 -4.91 5.05 1.53
CA LYS B 70 -5.26 3.65 1.31
C LYS B 70 -6.02 3.10 2.50
N ARG B 71 -6.96 2.21 2.21
CA ARG B 71 -7.56 1.34 3.23
C ARG B 71 -6.63 0.17 3.51
N HIS B 72 -6.60 -0.27 4.76
CA HIS B 72 -5.69 -1.32 5.17
C HIS B 72 -6.41 -2.43 5.93
N LEU B 73 -5.99 -3.67 5.67
CA LEU B 73 -6.32 -4.80 6.50
C LEU B 73 -5.30 -4.88 7.64
N LEU B 74 -5.78 -5.04 8.86
CA LEU B 74 -4.91 -5.15 10.03
C LEU B 74 -5.26 -6.43 10.77
N ARG B 75 -4.28 -7.29 10.97
CA ARG B 75 -4.46 -8.55 11.68
C ARG B 75 -3.58 -8.58 12.91
N LEU B 76 -4.17 -9.05 14.02
CA LEU B 76 -3.44 -9.20 15.29
C LEU B 76 -3.55 -10.66 15.73
N TYR B 77 -2.41 -11.29 15.93
CA TYR B 77 -2.33 -12.70 16.27
C TYR B 77 -2.02 -12.85 17.76
N PHE B 78 -2.76 -13.72 18.44
CA PHE B 78 -2.61 -13.93 19.88
C PHE B 78 -2.56 -15.42 20.18
N TYR B 79 -1.62 -15.80 21.04
CA TYR B 79 -1.44 -17.19 21.48
C TYR B 79 -1.34 -17.18 22.99
N PRO B 80 -2.46 -17.22 23.71
CA PRO B 80 -2.41 -17.18 25.18
C PRO B 80 -1.98 -18.52 25.74
N SER B 81 -0.67 -18.71 25.89
CA SER B 81 -0.11 -19.96 26.37
C SER B 81 0.72 -19.67 27.61
N THR B 82 1.59 -20.60 27.97
CA THR B 82 2.46 -20.43 29.12
C THR B 82 3.80 -19.86 28.67
N TYR B 83 4.15 -18.69 29.22
CA TYR B 83 5.45 -18.08 29.01
C TYR B 83 6.14 -17.97 30.35
N THR B 84 7.44 -18.24 30.38
CA THR B 84 8.15 -18.30 31.65
C THR B 84 8.10 -16.96 32.36
N GLY B 85 7.70 -16.98 33.63
CA GLY B 85 7.63 -15.79 34.45
C GLY B 85 6.44 -14.89 34.20
N LEU B 86 5.43 -15.35 33.48
CA LEU B 86 4.25 -14.54 33.21
C LEU B 86 2.99 -15.37 33.36
N ASN B 87 1.93 -14.73 33.88
CA ASN B 87 0.62 -15.35 34.01
C ASN B 87 -0.29 -14.75 32.94
N ILE B 88 -0.73 -15.58 31.99
CA ILE B 88 -1.41 -15.03 30.82
C ILE B 88 -2.82 -14.60 31.15
N SER B 89 -3.44 -15.19 32.17
CA SER B 89 -4.79 -14.78 32.56
C SER B 89 -4.81 -13.41 33.21
N ASN B 90 -3.66 -12.86 33.60
CA ASN B 90 -3.59 -11.51 34.12
C ASN B 90 -3.63 -10.45 33.04
N SER B 91 -3.59 -10.84 31.77
CA SER B 91 -3.44 -9.90 30.67
C SER B 91 -4.80 -9.33 30.29
N TYR B 92 -4.98 -8.03 30.50
CA TYR B 92 -6.13 -7.27 30.01
C TYR B 92 -5.59 -5.98 29.42
N PHE B 93 -5.95 -5.67 28.18
CA PHE B 93 -5.35 -4.49 27.57
C PHE B 93 -6.22 -3.94 26.44
N THR B 94 -5.83 -2.76 25.99
CA THR B 94 -6.49 -2.02 24.92
C THR B 94 -5.56 -1.96 23.71
N VAL B 95 -6.13 -2.03 22.51
CA VAL B 95 -5.39 -1.83 21.28
C VAL B 95 -6.09 -0.76 20.45
N GLU B 96 -5.35 0.26 20.03
CA GLU B 96 -5.87 1.31 19.17
C GLU B 96 -4.99 1.43 17.94
N ALA B 97 -5.61 1.77 16.81
CA ALA B 97 -4.90 1.97 15.55
C ALA B 97 -5.37 3.31 14.97
N ASN B 98 -4.55 4.34 15.09
CA ASN B 98 -4.83 5.66 14.53
C ASN B 98 -6.25 6.13 14.88
N ASP B 99 -6.47 6.36 16.17
CA ASP B 99 -7.71 6.89 16.74
C ASP B 99 -8.87 5.91 16.70
N VAL B 100 -8.67 4.66 16.25
CA VAL B 100 -9.72 3.66 16.22
C VAL B 100 -9.44 2.63 17.31
N THR B 101 -10.39 2.48 18.24
CA THR B 101 -10.24 1.50 19.32
C THR B 101 -10.69 0.13 18.83
N LEU B 102 -9.76 -0.83 18.81
CA LEU B 102 -10.02 -2.18 18.35
C LEU B 102 -10.38 -3.13 19.47
N LEU B 103 -9.61 -3.11 20.56
CA LEU B 103 -9.80 -3.98 21.69
C LEU B 103 -9.73 -3.15 22.98
N SER B 104 -10.46 -3.60 23.99
CA SER B 104 -10.50 -2.91 25.27
C SER B 104 -10.84 -3.92 26.35
N ASN B 105 -10.05 -3.93 27.44
CA ASN B 105 -10.19 -4.93 28.49
C ASN B 105 -10.11 -6.35 27.91
N PHE B 106 -9.30 -6.51 26.87
CA PHE B 106 -9.28 -7.73 26.08
C PHE B 106 -8.49 -8.81 26.80
N SER B 107 -9.13 -9.96 27.01
CA SER B 107 -8.49 -11.13 27.60
C SER B 107 -8.42 -12.22 26.53
N ALA B 108 -7.22 -12.44 25.99
CA ALA B 108 -7.05 -13.49 24.98
C ALA B 108 -7.29 -14.87 25.57
N ALA B 109 -6.96 -15.07 26.85
CA ALA B 109 -7.17 -16.36 27.48
C ALA B 109 -8.65 -16.70 27.57
N ILE B 110 -9.46 -15.76 28.07
CA ILE B 110 -10.90 -16.00 28.20
C ILE B 110 -11.53 -16.19 26.83
N THR B 111 -11.14 -15.36 25.85
CA THR B 111 -11.72 -15.48 24.51
C THR B 111 -11.37 -16.82 23.87
N CYS B 112 -10.12 -17.27 24.03
CA CYS B 112 -9.73 -18.56 23.49
C CYS B 112 -10.46 -19.71 24.16
N GLN B 113 -10.69 -19.61 25.47
CA GLN B 113 -11.36 -20.68 26.18
C GLN B 113 -12.81 -20.82 25.75
N ALA B 114 -13.49 -19.69 25.49
CA ALA B 114 -14.88 -19.76 25.05
C ALA B 114 -15.01 -20.31 23.64
N LEU B 115 -14.02 -20.06 22.79
CA LEU B 115 -14.03 -20.55 21.42
C LEU B 115 -13.48 -21.96 21.27
N THR B 116 -12.91 -22.53 22.34
CA THR B 116 -12.25 -23.83 22.30
C THR B 116 -11.21 -23.88 21.18
N GLN B 117 -10.40 -22.82 21.11
CA GLN B 117 -9.28 -22.77 20.19
C GLN B 117 -8.09 -22.17 20.93
N ALA B 118 -6.90 -22.62 20.56
CA ALA B 118 -5.68 -22.25 21.27
C ALA B 118 -5.09 -20.93 20.82
N TYR B 119 -5.59 -20.34 19.73
CA TYR B 119 -5.04 -19.10 19.19
C TYR B 119 -6.16 -18.24 18.64
N LEU B 120 -5.85 -16.96 18.44
CA LEU B 120 -6.80 -15.97 17.96
C LEU B 120 -6.17 -15.12 16.87
N VAL B 121 -6.97 -14.80 15.85
CA VAL B 121 -6.61 -13.81 14.84
C VAL B 121 -7.74 -12.80 14.76
N LYS B 122 -7.47 -11.56 15.17
CA LYS B 122 -8.41 -10.46 15.01
C LYS B 122 -8.07 -9.73 13.71
N GLU B 123 -9.08 -9.53 12.87
CA GLU B 123 -8.89 -8.87 11.59
C GLU B 123 -9.78 -7.65 11.48
N TYR B 124 -9.22 -6.54 11.00
CA TYR B 124 -9.92 -5.28 10.87
C TYR B 124 -9.63 -4.68 9.50
N SER B 125 -10.58 -3.89 9.00
CA SER B 125 -10.39 -3.09 7.80
C SER B 125 -10.47 -1.63 8.21
N LEU B 126 -9.34 -0.92 8.14
CA LEU B 126 -9.23 0.44 8.65
C LEU B 126 -9.35 1.43 7.50
N ALA B 127 -10.34 2.32 7.59
CA ALA B 127 -10.55 3.34 6.59
C ALA B 127 -9.32 4.26 6.50
N PRO B 128 -9.12 4.90 5.35
CA PRO B 128 -7.98 5.83 5.22
C PRO B 128 -8.01 6.90 6.30
N THR B 129 -6.85 7.13 6.92
CA THR B 129 -6.70 8.14 7.94
C THR B 129 -5.87 9.33 7.49
N ASP B 130 -5.39 9.32 6.25
CA ASP B 130 -4.63 10.43 5.66
C ASP B 130 -3.36 10.71 6.48
N LYS B 131 -2.76 9.66 7.02
CA LYS B 131 -1.48 9.75 7.71
C LYS B 131 -0.55 8.69 7.14
N ASP B 132 0.74 9.03 7.04
CA ASP B 132 1.72 8.11 6.47
C ASP B 132 2.30 7.16 7.51
N VAL B 133 1.76 7.16 8.73
CA VAL B 133 2.17 6.23 9.77
C VAL B 133 0.93 5.63 10.40
N LEU B 134 0.90 4.31 10.52
CA LEU B 134 -0.13 3.61 11.27
C LEU B 134 0.42 3.35 12.67
N SER B 135 -0.11 4.05 13.66
CA SER B 135 0.34 3.93 15.03
C SER B 135 -0.55 2.93 15.76
N ILE B 136 0.01 1.77 16.08
CA ILE B 136 -0.71 0.72 16.79
C ILE B 136 -0.25 0.75 18.25
N LYS B 137 -1.13 1.14 19.16
CA LYS B 137 -0.79 1.36 20.56
C LYS B 137 -1.43 0.30 21.44
N PHE B 138 -0.61 -0.34 22.26
CA PHE B 138 -1.05 -1.36 23.20
C PHE B 138 -0.98 -0.79 24.61
N THR B 139 -2.12 -0.72 25.28
CA THR B 139 -2.19 -0.11 26.62
C THR B 139 -2.68 -1.13 27.64
N PRO B 140 -1.84 -1.57 28.57
CA PRO B 140 -2.33 -2.43 29.65
C PRO B 140 -3.46 -1.74 30.40
N SER B 141 -4.36 -2.55 30.96
CA SER B 141 -5.48 -2.02 31.71
C SER B 141 -4.99 -1.27 32.94
N ASP B 142 -5.50 -0.06 33.14
CA ASP B 142 -5.21 0.70 34.35
C ASP B 142 -6.14 0.33 35.50
N LYS B 143 -7.01 -0.65 35.30
CA LYS B 143 -7.86 -1.17 36.38
C LYS B 143 -7.20 -2.29 37.16
N TYR B 144 -6.22 -2.98 36.56
CA TYR B 144 -5.53 -4.10 37.18
C TYR B 144 -4.05 -3.79 37.23
N ARG B 145 -3.46 -3.86 38.43
CA ARG B 145 -2.07 -3.44 38.60
C ARG B 145 -1.10 -4.39 37.89
N ASP B 146 -1.36 -5.68 37.94
CA ASP B 146 -0.49 -6.68 37.34
C ASP B 146 -0.90 -7.03 35.91
N ALA B 147 -1.77 -6.23 35.29
CA ALA B 147 -2.16 -6.48 33.91
C ALA B 147 -1.05 -6.03 32.97
N PHE B 148 -0.90 -6.77 31.88
CA PHE B 148 0.07 -6.45 30.84
C PHE B 148 -0.55 -6.72 29.49
N ALA B 149 0.07 -6.21 28.44
CA ALA B 149 -0.34 -6.44 27.08
C ALA B 149 0.64 -7.36 26.38
N PHE B 150 0.17 -8.09 25.38
CA PHE B 150 1.05 -8.96 24.62
C PHE B 150 0.52 -9.10 23.20
N ILE B 151 1.42 -9.48 22.30
CA ILE B 151 1.09 -9.66 20.89
C ILE B 151 2.06 -10.68 20.31
N ASN B 152 1.55 -11.54 19.42
CA ASN B 152 2.38 -12.54 18.77
C ASN B 152 2.69 -12.23 17.32
N GLY B 153 1.77 -11.57 16.61
CA GLY B 153 1.98 -11.24 15.21
C GLY B 153 1.13 -10.06 14.81
N ILE B 154 1.63 -9.29 13.84
CA ILE B 154 0.93 -8.12 13.32
C ILE B 154 1.04 -8.14 11.80
N GLU B 155 -0.09 -7.96 11.11
CA GLU B 155 -0.12 -7.87 9.65
C GLU B 155 -0.80 -6.58 9.24
N VAL B 156 -0.18 -5.86 8.30
CA VAL B 156 -0.76 -4.66 7.70
C VAL B 156 -0.73 -4.84 6.19
N ILE B 157 -1.89 -4.78 5.55
CA ILE B 157 -2.04 -5.09 4.13
C ILE B 157 -2.89 -4.02 3.47
N GLN B 158 -2.34 -3.36 2.44
CA GLN B 158 -3.15 -2.46 1.61
C GLN B 158 -4.28 -3.24 0.96
N MET B 159 -5.48 -2.64 0.94
CA MET B 159 -6.63 -3.29 0.34
C MET B 159 -7.50 -2.26 -0.38
N PRO B 160 -8.20 -2.67 -1.43
CA PRO B 160 -9.08 -1.74 -2.15
C PRO B 160 -10.29 -1.36 -1.30
N GLU B 161 -11.02 -0.36 -1.80
CA GLU B 161 -12.26 0.07 -1.16
C GLU B 161 -13.39 -0.86 -1.59
N LEU B 162 -13.45 -2.01 -0.92
CA LEU B 162 -14.39 -3.06 -1.28
C LEU B 162 -15.75 -2.90 -0.64
N PHE B 163 -15.98 -1.79 0.08
CA PHE B 163 -17.24 -1.54 0.76
C PHE B 163 -17.85 -0.24 0.24
N ASP B 164 -19.16 -0.23 0.00
CA ASP B 164 -19.85 0.97 -0.46
C ASP B 164 -21.09 1.25 0.37
N THR B 165 -22.24 0.77 -0.06
CA THR B 165 -23.48 0.96 0.67
C THR B 165 -24.08 -0.41 1.00
N ALA B 166 -24.95 -0.42 2.01
CA ALA B 166 -25.58 -1.64 2.47
C ALA B 166 -27.06 -1.39 2.72
N ALA B 167 -27.90 -2.33 2.30
CA ALA B 167 -29.34 -2.20 2.45
C ALA B 167 -29.76 -2.47 3.89
N LEU B 168 -30.53 -1.54 4.46
CA LEU B 168 -30.93 -1.68 5.86
C LEU B 168 -32.01 -2.74 6.00
N VAL B 169 -31.72 -3.76 6.81
CA VAL B 169 -32.62 -4.90 6.98
C VAL B 169 -33.90 -4.46 7.68
N GLY B 170 -35.03 -5.00 7.25
CA GLY B 170 -36.31 -4.70 7.84
C GLY B 170 -36.96 -3.43 7.35
N PHE B 171 -36.24 -2.60 6.59
CA PHE B 171 -36.78 -1.39 6.00
C PHE B 171 -36.60 -1.46 4.48
N THR B 172 -37.59 -0.96 3.75
CA THR B 172 -37.59 -1.04 2.30
C THR B 172 -36.92 0.20 1.71
N ASP B 173 -35.93 -0.04 0.83
CA ASP B 173 -35.28 1.02 0.06
C ASP B 173 -34.59 2.04 0.95
N GLN B 174 -33.91 1.58 1.98
CA GLN B 174 -33.10 2.47 2.80
C GLN B 174 -31.72 1.86 2.95
N THR B 175 -30.69 2.68 2.78
CA THR B 175 -29.32 2.22 2.65
C THR B 175 -28.45 2.79 3.77
N MET B 176 -27.30 2.15 3.96
CA MET B 176 -26.30 2.58 4.93
C MET B 176 -24.94 2.62 4.27
N ASP B 177 -24.20 3.71 4.49
CA ASP B 177 -22.91 3.93 3.84
C ASP B 177 -21.79 3.35 4.70
N ALA B 178 -20.93 2.53 4.09
CA ALA B 178 -19.75 2.02 4.79
C ALA B 178 -18.45 2.36 4.09
N LYS B 179 -18.46 3.28 3.13
CA LYS B 179 -17.25 3.62 2.39
C LYS B 179 -16.13 4.07 3.31
N THR B 180 -16.46 4.82 4.35
CA THR B 180 -15.46 5.35 5.28
C THR B 180 -15.50 4.66 6.63
N ALA B 181 -16.15 3.51 6.72
CA ALA B 181 -16.31 2.83 7.99
C ALA B 181 -15.08 2.01 8.33
N ASN B 182 -14.84 1.85 9.64
CA ASN B 182 -13.88 0.88 10.14
C ASN B 182 -14.62 -0.40 10.47
N LEU B 183 -14.12 -1.53 9.98
CA LEU B 183 -14.81 -2.79 10.12
C LEU B 183 -13.94 -3.82 10.82
N GLN B 184 -14.60 -4.70 11.59
CA GLN B 184 -13.97 -5.90 12.10
C GLN B 184 -14.55 -7.11 11.38
N SER B 185 -13.68 -7.98 10.88
CA SER B 185 -14.13 -9.21 10.24
C SER B 185 -14.57 -10.19 11.33
N MET B 186 -15.86 -10.52 11.35
CA MET B 186 -16.38 -11.43 12.36
C MET B 186 -16.43 -12.87 11.87
N PHE B 187 -16.92 -13.09 10.65
CA PHE B 187 -16.95 -14.41 10.04
C PHE B 187 -16.72 -14.28 8.54
N ARG B 188 -16.07 -15.28 7.96
CA ARG B 188 -15.79 -15.30 6.53
C ARG B 188 -15.89 -16.74 6.07
N LEU B 189 -16.95 -17.05 5.32
CA LEU B 189 -17.35 -18.42 5.07
C LEU B 189 -17.36 -18.74 3.58
N ASN B 190 -16.81 -19.90 3.23
CA ASN B 190 -17.03 -20.51 1.91
C ASN B 190 -18.24 -21.43 2.06
N VAL B 191 -19.41 -20.95 1.65
CA VAL B 191 -20.64 -21.69 1.88
C VAL B 191 -20.70 -22.88 0.92
N GLY B 192 -20.85 -24.08 1.48
CA GLY B 192 -20.92 -25.29 0.70
C GLY B 192 -19.60 -25.80 0.16
N GLY B 193 -18.48 -25.18 0.53
CA GLY B 193 -17.19 -25.55 0.00
C GLY B 193 -16.15 -25.68 1.10
N GLN B 194 -14.98 -26.21 0.69
CA GLN B 194 -13.91 -26.48 1.64
C GLN B 194 -13.20 -25.19 2.05
N ASP B 195 -12.42 -25.28 3.12
CA ASP B 195 -11.61 -24.16 3.57
C ASP B 195 -10.69 -23.67 2.46
N ILE B 196 -10.57 -22.36 2.34
CA ILE B 196 -9.65 -21.73 1.39
C ILE B 196 -8.55 -21.05 2.19
N PRO B 197 -7.31 -21.54 2.14
CA PRO B 197 -6.23 -20.87 2.87
C PRO B 197 -5.88 -19.52 2.25
N GLY B 198 -5.16 -18.71 3.03
CA GLY B 198 -4.80 -17.39 2.56
C GLY B 198 -3.98 -17.39 1.29
N SER B 199 -3.16 -18.44 1.09
CA SER B 199 -2.35 -18.52 -0.12
C SER B 199 -3.18 -18.65 -1.37
N GLN B 200 -4.44 -19.07 -1.24
CA GLN B 200 -5.34 -19.21 -2.37
C GLN B 200 -6.35 -18.06 -2.47
N ASP B 201 -6.23 -17.06 -1.61
CA ASP B 201 -7.13 -15.92 -1.63
C ASP B 201 -6.78 -15.01 -2.81
N SER B 202 -7.76 -14.21 -3.22
CA SER B 202 -7.59 -13.28 -4.33
C SER B 202 -7.09 -11.93 -3.82
N GLY B 203 -6.61 -11.11 -4.76
CA GLY B 203 -6.19 -9.75 -4.47
C GLY B 203 -5.01 -9.62 -3.55
N GLY B 204 -4.29 -10.70 -3.28
CA GLY B 204 -3.16 -10.65 -2.38
C GLY B 204 -3.51 -10.35 -0.94
N LEU B 205 -4.76 -10.57 -0.54
CA LEU B 205 -5.21 -10.21 0.80
C LEU B 205 -5.04 -11.33 1.82
N THR B 206 -4.70 -12.54 1.36
CA THR B 206 -4.47 -13.72 2.21
C THR B 206 -5.54 -13.89 3.29
N ARG B 207 -6.80 -13.64 2.93
CA ARG B 207 -7.91 -13.98 3.79
C ARG B 207 -8.18 -15.47 3.75
N THR B 208 -8.63 -16.02 4.88
CA THR B 208 -9.03 -17.42 4.97
C THR B 208 -10.55 -17.50 4.92
N TRP B 209 -11.07 -18.39 4.07
CA TRP B 209 -12.51 -18.63 3.94
C TRP B 209 -12.80 -20.02 4.48
N TYR B 210 -13.67 -20.10 5.47
CA TYR B 210 -13.93 -21.34 6.18
C TYR B 210 -15.24 -21.98 5.73
N ASN B 211 -15.28 -23.30 5.79
CA ASN B 211 -16.52 -24.01 5.51
C ASN B 211 -17.59 -23.61 6.52
N ASP B 212 -18.85 -23.57 6.06
CA ASP B 212 -19.94 -22.97 6.83
C ASP B 212 -20.71 -23.96 7.68
N ALA B 213 -20.47 -25.27 7.52
CA ALA B 213 -21.27 -26.27 8.22
C ALA B 213 -21.34 -26.09 9.75
N PRO B 214 -20.27 -25.69 10.45
CA PRO B 214 -20.40 -25.50 11.91
C PRO B 214 -21.43 -24.46 12.32
N TYR B 215 -21.84 -23.58 11.41
CA TYR B 215 -22.75 -22.50 11.76
C TYR B 215 -24.19 -22.77 11.35
N ILE B 216 -24.48 -23.95 10.81
CA ILE B 216 -25.85 -24.27 10.43
C ILE B 216 -26.65 -24.60 11.68
N PHE B 217 -27.76 -23.90 11.88
CA PHE B 217 -28.64 -24.11 13.01
C PHE B 217 -29.89 -24.90 12.66
N SER B 218 -30.37 -24.84 11.43
CA SER B 218 -31.58 -25.53 11.02
C SER B 218 -31.38 -27.04 11.02
N ALA B 219 -32.47 -27.76 11.29
CA ALA B 219 -32.47 -29.21 11.16
C ALA B 219 -32.27 -29.59 9.70
N GLY B 220 -31.20 -30.32 9.42
CA GLY B 220 -30.86 -30.65 8.06
C GLY B 220 -29.81 -29.72 7.49
N LEU B 221 -28.74 -30.30 6.93
CA LEU B 221 -27.63 -29.52 6.40
C LEU B 221 -27.87 -29.02 4.99
N GLY B 222 -29.07 -29.20 4.44
CA GLY B 222 -29.28 -28.82 3.07
C GLY B 222 -28.47 -29.70 2.13
N VAL B 223 -28.26 -29.19 0.92
CA VAL B 223 -27.53 -29.92 -0.12
C VAL B 223 -26.47 -29.00 -0.69
N THR B 224 -25.22 -29.46 -0.66
CA THR B 224 -24.12 -28.69 -1.22
C THR B 224 -24.03 -28.92 -2.72
N LEU B 225 -23.69 -27.86 -3.45
CA LEU B 225 -23.58 -27.89 -4.89
C LEU B 225 -22.16 -27.54 -5.30
N GLN B 226 -21.70 -28.15 -6.40
CA GLN B 226 -20.36 -27.91 -6.93
C GLN B 226 -20.47 -27.69 -8.42
N ALA B 227 -19.81 -26.63 -8.91
CA ALA B 227 -19.82 -26.36 -10.34
C ALA B 227 -19.03 -27.42 -11.10
N SER B 228 -19.33 -27.55 -12.39
CA SER B 228 -18.67 -28.53 -13.23
C SER B 228 -17.17 -28.22 -13.35
N ASN B 229 -16.43 -29.19 -13.86
CA ASN B 229 -14.98 -29.04 -13.96
C ASN B 229 -14.63 -27.88 -14.87
N ASN B 230 -13.69 -27.05 -14.41
CA ASN B 230 -13.20 -25.88 -15.13
C ASN B 230 -14.32 -24.89 -15.46
N PHE B 231 -15.42 -24.93 -14.71
CA PHE B 231 -16.45 -23.92 -14.85
C PHE B 231 -15.84 -22.53 -14.69
N ARG B 232 -16.22 -21.63 -15.58
CA ARG B 232 -15.61 -20.31 -15.67
C ARG B 232 -16.45 -19.30 -14.88
N ILE B 233 -15.85 -18.71 -13.85
CA ILE B 233 -16.46 -17.61 -13.13
C ILE B 233 -16.15 -16.32 -13.88
N ASN B 234 -17.18 -15.65 -14.37
CA ASN B 234 -17.04 -14.48 -15.25
C ASN B 234 -17.24 -13.22 -14.41
N TYR B 235 -16.14 -12.69 -13.88
CA TYR B 235 -16.21 -11.56 -12.95
C TYR B 235 -16.74 -10.30 -13.61
N GLN B 236 -16.55 -10.15 -14.92
CA GLN B 236 -16.87 -8.92 -15.63
C GLN B 236 -16.19 -7.73 -14.97
N ASN B 237 -16.96 -6.78 -14.44
CA ASN B 237 -16.39 -5.58 -13.84
C ASN B 237 -16.26 -5.66 -12.33
N MET B 238 -16.69 -6.75 -11.70
CA MET B 238 -16.51 -6.89 -10.26
C MET B 238 -15.03 -7.13 -9.96
N PRO B 239 -14.42 -6.38 -9.05
CA PRO B 239 -13.01 -6.60 -8.74
C PRO B 239 -12.77 -8.00 -8.21
N VAL B 240 -11.69 -8.63 -8.69
CA VAL B 240 -11.38 -9.99 -8.26
C VAL B 240 -11.03 -10.03 -6.79
N SER B 241 -10.68 -8.88 -6.19
CA SER B 241 -10.35 -8.84 -4.77
C SER B 241 -11.56 -9.09 -3.88
N ILE B 242 -12.78 -9.00 -4.42
CA ILE B 242 -13.97 -9.22 -3.62
C ILE B 242 -13.93 -10.61 -2.97
N ALA B 243 -13.61 -11.63 -3.77
CA ALA B 243 -13.57 -13.01 -3.31
C ALA B 243 -12.94 -13.90 -4.37
N PRO B 244 -12.21 -14.94 -3.98
CA PRO B 244 -11.59 -15.83 -4.96
C PRO B 244 -12.64 -16.66 -5.71
N ALA B 245 -12.23 -17.15 -6.87
CA ALA B 245 -13.18 -17.82 -7.77
C ALA B 245 -13.80 -19.05 -7.13
N ASP B 246 -13.04 -19.77 -6.29
CA ASP B 246 -13.55 -21.02 -5.73
C ASP B 246 -14.70 -20.81 -4.75
N ILE B 247 -14.84 -19.61 -4.19
CA ILE B 247 -16.01 -19.27 -3.39
C ILE B 247 -17.27 -19.47 -4.22
N TYR B 248 -17.26 -18.98 -5.45
CA TYR B 248 -18.43 -18.99 -6.32
C TYR B 248 -18.66 -20.32 -7.00
N LYS B 249 -17.71 -21.25 -6.94
CA LYS B 249 -17.86 -22.56 -7.56
C LYS B 249 -18.55 -23.56 -6.65
N THR B 250 -18.87 -23.19 -5.43
CA THR B 250 -19.62 -24.06 -4.52
C THR B 250 -20.72 -23.26 -3.84
N ALA B 251 -21.76 -23.97 -3.42
CA ALA B 251 -22.88 -23.34 -2.75
C ALA B 251 -23.58 -24.36 -1.88
N ARG B 252 -24.33 -23.87 -0.90
CA ARG B 252 -25.24 -24.70 -0.14
C ARG B 252 -26.67 -24.33 -0.51
N SER B 253 -27.49 -25.34 -0.75
CA SER B 253 -28.87 -25.15 -1.13
C SER B 253 -29.77 -25.93 -0.19
N GLN B 254 -31.08 -25.71 -0.33
CA GLN B 254 -32.03 -26.48 0.47
C GLN B 254 -32.18 -27.89 -0.05
N GLY B 255 -32.30 -28.07 -1.37
CA GLY B 255 -32.35 -29.38 -1.96
C GLY B 255 -33.34 -29.48 -3.10
N PRO B 256 -33.47 -30.69 -3.66
CA PRO B 256 -34.31 -30.87 -4.85
C PRO B 256 -35.80 -31.01 -4.57
N ASN B 257 -36.21 -31.13 -3.31
CA ASN B 257 -37.61 -31.34 -2.96
C ASN B 257 -38.23 -30.00 -2.61
N GLY B 258 -38.86 -29.38 -3.62
CA GLY B 258 -39.44 -28.05 -3.41
C GLY B 258 -40.55 -28.03 -2.37
N ASP B 259 -41.29 -29.13 -2.26
CA ASP B 259 -42.37 -29.18 -1.26
C ASP B 259 -41.82 -29.13 0.16
N ILE B 260 -40.73 -29.86 0.42
CA ILE B 260 -40.12 -29.81 1.74
C ILE B 260 -39.43 -28.46 1.97
N ASN B 261 -38.82 -27.90 0.92
CA ASN B 261 -38.15 -26.61 1.05
C ASN B 261 -39.11 -25.51 1.47
N LEU B 262 -40.33 -25.55 0.95
CA LEU B 262 -41.31 -24.52 1.29
C LEU B 262 -41.70 -24.57 2.77
N LYS B 263 -41.43 -25.67 3.46
CA LYS B 263 -41.83 -25.84 4.85
C LYS B 263 -40.74 -25.44 5.84
N SER B 264 -39.62 -24.88 5.39
CA SER B 264 -38.54 -24.59 6.32
C SER B 264 -37.64 -23.49 5.77
N ASN B 265 -36.92 -22.85 6.68
CA ASN B 265 -35.86 -21.91 6.34
C ASN B 265 -34.51 -22.59 6.55
N LEU B 266 -33.62 -22.47 5.57
CA LEU B 266 -32.22 -22.81 5.79
C LEU B 266 -31.58 -21.73 6.66
N THR B 267 -30.96 -22.12 7.77
CA THR B 267 -30.64 -21.19 8.84
C THR B 267 -29.18 -21.31 9.27
N TRP B 268 -28.49 -20.17 9.32
CA TRP B 268 -27.19 -20.04 9.97
C TRP B 268 -27.33 -19.14 11.19
N MET B 269 -26.51 -19.38 12.20
CA MET B 269 -26.51 -18.53 13.39
C MET B 269 -25.07 -18.24 13.82
N PHE B 270 -24.86 -17.00 14.30
CA PHE B 270 -23.53 -16.53 14.64
C PHE B 270 -23.59 -15.76 15.94
N GLN B 271 -22.57 -15.96 16.79
CA GLN B 271 -22.40 -15.20 18.02
C GLN B 271 -21.60 -13.94 17.71
N ILE B 272 -22.15 -12.78 18.10
CA ILE B 272 -21.49 -11.51 17.85
C ILE B 272 -21.57 -10.63 19.09
N ASP B 273 -21.13 -9.38 18.97
CA ASP B 273 -21.12 -8.43 20.08
C ASP B 273 -22.34 -7.52 19.99
N LYS B 274 -23.06 -7.42 21.10
CA LYS B 274 -24.26 -6.61 21.18
C LYS B 274 -23.95 -5.13 20.98
N ASN B 275 -24.97 -4.39 20.54
CA ASN B 275 -24.92 -2.92 20.43
C ASN B 275 -23.94 -2.49 19.33
N PHE B 276 -24.05 -3.11 18.15
CA PHE B 276 -23.25 -2.76 17.00
C PHE B 276 -24.09 -2.96 15.75
N THR B 277 -23.79 -2.21 14.71
CA THR B 277 -24.36 -2.48 13.40
C THR B 277 -23.42 -3.41 12.65
N TYR B 278 -23.99 -4.45 12.04
CA TYR B 278 -23.22 -5.43 11.30
C TYR B 278 -23.64 -5.42 9.84
N ILE B 279 -22.67 -5.69 8.96
CA ILE B 279 -22.92 -5.88 7.54
C ILE B 279 -22.76 -7.35 7.22
N LEU B 280 -23.78 -7.93 6.61
CA LEU B 280 -23.72 -9.29 6.08
C LEU B 280 -23.54 -9.20 4.58
N ARG B 281 -22.42 -9.72 4.09
CA ARG B 281 -22.14 -9.75 2.66
C ARG B 281 -22.43 -11.16 2.15
N LEU B 282 -23.47 -11.29 1.34
CA LEU B 282 -23.91 -12.58 0.81
C LEU B 282 -23.38 -12.71 -0.62
N HIS B 283 -22.60 -13.77 -0.87
CA HIS B 283 -21.97 -14.00 -2.16
C HIS B 283 -22.81 -15.00 -2.95
N PHE B 284 -23.11 -14.67 -4.20
CA PHE B 284 -23.95 -15.51 -5.04
C PHE B 284 -23.30 -15.75 -6.40
N CYS B 285 -23.54 -16.94 -6.94
CA CYS B 285 -23.19 -17.24 -8.33
C CYS B 285 -23.97 -18.46 -8.76
N GLU B 286 -24.78 -18.31 -9.80
CA GLU B 286 -25.57 -19.42 -10.34
C GLU B 286 -24.72 -20.19 -11.34
N PHE B 287 -24.41 -21.45 -11.02
CA PHE B 287 -23.64 -22.29 -11.93
C PHE B 287 -24.43 -23.52 -12.40
N GLN B 288 -25.73 -23.58 -12.14
CA GLN B 288 -26.56 -24.68 -12.63
C GLN B 288 -27.68 -24.19 -13.52
N LEU B 289 -28.49 -23.25 -13.06
CA LEU B 289 -29.60 -22.73 -13.83
C LEU B 289 -29.13 -21.59 -14.74
N SER B 290 -29.99 -21.22 -15.69
CA SER B 290 -29.60 -20.26 -16.73
C SER B 290 -30.60 -19.15 -16.97
N LYS B 291 -31.80 -19.20 -16.40
CA LYS B 291 -32.84 -18.24 -16.73
C LYS B 291 -33.39 -17.58 -15.47
N ILE B 292 -33.92 -16.36 -15.65
CA ILE B 292 -34.60 -15.68 -14.57
C ILE B 292 -35.84 -16.48 -14.17
N ASN B 293 -36.26 -16.33 -12.91
CA ASN B 293 -37.45 -16.94 -12.35
C ASN B 293 -37.37 -18.47 -12.30
N GLN B 294 -36.15 -19.00 -12.23
CA GLN B 294 -36.00 -20.43 -12.00
C GLN B 294 -35.81 -20.76 -10.53
N LYS B 295 -34.95 -20.01 -9.85
CA LYS B 295 -34.76 -20.12 -8.41
C LYS B 295 -35.00 -18.75 -7.79
N VAL B 296 -36.02 -18.67 -6.93
CA VAL B 296 -36.48 -17.42 -6.34
C VAL B 296 -36.73 -17.65 -4.86
N PHE B 297 -36.06 -16.89 -4.00
CA PHE B 297 -36.09 -17.22 -2.57
C PHE B 297 -36.05 -15.96 -1.73
N ASN B 298 -36.64 -16.07 -0.54
CA ASN B 298 -36.64 -15.00 0.46
C ASN B 298 -35.42 -15.17 1.37
N ILE B 299 -34.89 -14.05 1.83
CA ILE B 299 -33.77 -14.04 2.77
C ILE B 299 -34.18 -13.22 3.99
N TYR B 300 -33.96 -13.77 5.18
CA TYR B 300 -34.27 -13.09 6.41
C TYR B 300 -33.03 -13.02 7.28
N ILE B 301 -32.86 -11.88 7.96
CA ILE B 301 -31.76 -11.69 8.90
C ILE B 301 -32.37 -11.24 10.22
N ASN B 302 -32.06 -11.97 11.30
CA ASN B 302 -32.64 -11.73 12.62
C ASN B 302 -34.16 -11.64 12.56
N ASN B 303 -34.76 -12.63 11.89
CA ASN B 303 -36.21 -12.78 11.76
C ASN B 303 -36.84 -11.56 11.10
N ARG B 304 -36.09 -10.85 10.27
CA ARG B 304 -36.56 -9.65 9.60
C ARG B 304 -36.19 -9.72 8.13
N THR B 305 -36.84 -8.86 7.33
CA THR B 305 -36.84 -9.00 5.88
C THR B 305 -35.57 -8.43 5.26
N ALA B 306 -34.90 -9.26 4.44
CA ALA B 306 -33.82 -8.83 3.56
C ALA B 306 -34.05 -9.55 2.22
N GLN B 307 -34.75 -8.89 1.31
CA GLN B 307 -35.29 -9.50 0.09
C GLN B 307 -36.41 -10.49 0.39
N ALA B 308 -37.64 -10.02 0.31
CA ALA B 308 -38.82 -10.86 0.42
C ALA B 308 -39.94 -10.15 -0.34
N ASP B 309 -41.18 -10.57 -0.08
CA ASP B 309 -42.38 -9.92 -0.63
C ASP B 309 -42.28 -9.96 -2.15
N THR B 310 -42.44 -8.83 -2.85
CA THR B 310 -42.39 -8.79 -4.30
C THR B 310 -41.00 -8.56 -4.86
N THR B 311 -39.99 -8.46 -3.99
CA THR B 311 -38.59 -8.36 -4.44
C THR B 311 -37.73 -9.40 -3.74
N PRO B 312 -37.99 -10.69 -4.01
CA PRO B 312 -37.15 -11.73 -3.42
C PRO B 312 -35.87 -11.90 -4.23
N ALA B 313 -34.98 -12.74 -3.70
CA ALA B 313 -33.69 -12.96 -4.33
C ALA B 313 -33.84 -13.88 -5.53
N ASP B 314 -33.22 -13.49 -6.64
CA ASP B 314 -33.11 -14.34 -7.83
C ASP B 314 -31.75 -14.03 -8.44
N ILE B 315 -30.81 -14.99 -8.35
CA ILE B 315 -29.44 -14.73 -8.77
C ILE B 315 -29.40 -14.29 -10.22
N ILE B 316 -29.97 -15.10 -11.13
CA ILE B 316 -29.98 -14.74 -12.54
C ILE B 316 -30.71 -13.42 -12.76
N GLY B 317 -31.80 -13.20 -12.02
CA GLY B 317 -32.49 -11.92 -12.10
C GLY B 317 -31.57 -10.76 -11.77
N TRP B 318 -30.70 -10.93 -10.78
CA TRP B 318 -29.70 -9.91 -10.46
C TRP B 318 -28.58 -9.87 -11.49
N THR B 319 -28.01 -11.03 -11.82
CA THR B 319 -26.78 -11.10 -12.61
C THR B 319 -27.01 -11.12 -14.12
N GLY B 320 -28.15 -11.60 -14.61
CA GLY B 320 -28.41 -11.69 -16.03
C GLY B 320 -27.86 -12.93 -16.72
N GLU B 321 -26.88 -13.61 -16.13
CA GLU B 321 -26.30 -14.77 -16.79
C GLU B 321 -25.66 -15.69 -15.77
N LYS B 322 -25.80 -17.00 -15.99
CA LYS B 322 -25.13 -17.97 -15.13
C LYS B 322 -23.62 -17.85 -15.28
N GLY B 323 -22.92 -18.08 -14.17
CA GLY B 323 -21.48 -17.96 -14.15
C GLY B 323 -20.95 -16.60 -13.73
N ILE B 324 -21.81 -15.60 -13.61
CA ILE B 324 -21.39 -14.27 -13.15
C ILE B 324 -21.51 -14.20 -11.65
N PRO B 325 -20.44 -13.85 -10.93
CA PRO B 325 -20.54 -13.73 -9.47
C PRO B 325 -21.07 -12.36 -9.06
N MET B 326 -21.50 -12.29 -7.82
CA MET B 326 -22.06 -11.05 -7.28
C MET B 326 -22.13 -11.15 -5.77
N TYR B 327 -22.46 -10.03 -5.13
CA TYR B 327 -22.70 -9.98 -3.70
C TYR B 327 -23.75 -8.92 -3.42
N LYS B 328 -24.42 -9.07 -2.28
CA LYS B 328 -25.34 -8.06 -1.76
C LYS B 328 -25.02 -7.83 -0.29
N ASP B 329 -24.97 -6.56 0.11
CA ASP B 329 -24.68 -6.18 1.48
C ASP B 329 -25.96 -5.78 2.20
N TYR B 330 -26.16 -6.31 3.41
CA TYR B 330 -27.29 -5.96 4.26
C TYR B 330 -26.78 -5.54 5.62
N ALA B 331 -27.41 -4.54 6.21
CA ALA B 331 -26.97 -3.97 7.48
C ALA B 331 -28.05 -4.11 8.53
N ILE B 332 -27.65 -4.45 9.75
CA ILE B 332 -28.59 -4.60 10.86
C ILE B 332 -27.91 -4.18 12.15
N TYR B 333 -28.60 -3.38 12.95
CA TYR B 333 -28.14 -3.04 14.29
C TYR B 333 -28.67 -4.07 15.27
N VAL B 334 -27.77 -4.74 15.98
CA VAL B 334 -28.13 -5.82 16.89
C VAL B 334 -28.04 -5.30 18.33
N ASP B 335 -29.17 -5.31 19.02
CA ASP B 335 -29.23 -4.86 20.41
C ASP B 335 -30.10 -5.84 21.19
N ALA B 336 -30.65 -5.39 22.32
CA ALA B 336 -31.47 -6.25 23.17
C ALA B 336 -32.77 -6.67 22.52
N ASN B 337 -33.28 -5.89 21.58
CA ASN B 337 -34.54 -6.19 20.92
C ASN B 337 -34.34 -6.53 19.44
N ASN B 338 -33.18 -7.10 19.11
CA ASN B 338 -32.86 -7.41 17.72
C ASN B 338 -31.97 -8.65 17.64
N GLY B 339 -32.19 -9.60 18.55
CA GLY B 339 -31.43 -10.83 18.58
C GLY B 339 -30.47 -10.94 19.74
N GLY B 340 -30.18 -9.83 20.42
CA GLY B 340 -29.27 -9.86 21.55
C GLY B 340 -27.81 -10.01 21.14
N GLU B 341 -27.29 -11.22 21.26
CA GLU B 341 -25.89 -11.52 20.94
C GLU B 341 -25.76 -12.41 19.73
N GLU B 342 -26.78 -12.47 18.88
CA GLU B 342 -26.80 -13.44 17.79
C GLU B 342 -27.28 -12.78 16.50
N ILE B 343 -26.67 -13.19 15.39
CA ILE B 343 -27.17 -12.89 14.06
C ILE B 343 -27.67 -14.20 13.46
N THR B 344 -28.88 -14.18 12.91
CA THR B 344 -29.47 -15.33 12.25
C THR B 344 -29.69 -15.01 10.78
N LEU B 345 -29.27 -15.91 9.91
CA LEU B 345 -29.48 -15.79 8.47
C LEU B 345 -30.37 -16.93 8.00
N GLN B 346 -31.47 -16.61 7.33
CA GLN B 346 -32.46 -17.59 6.94
C GLN B 346 -32.88 -17.39 5.50
N MET B 347 -33.03 -18.49 4.77
CA MET B 347 -33.56 -18.41 3.42
C MET B 347 -34.54 -19.56 3.20
N THR B 348 -35.55 -19.29 2.37
CA THR B 348 -36.64 -20.20 2.07
C THR B 348 -37.19 -19.81 0.72
N PRO B 349 -37.80 -20.74 -0.04
CA PRO B 349 -38.27 -20.38 -1.38
C PRO B 349 -39.35 -19.32 -1.33
N SER B 350 -39.40 -18.51 -2.38
CA SER B 350 -40.44 -17.50 -2.53
C SER B 350 -41.60 -18.05 -3.35
N THR B 351 -42.82 -17.70 -2.94
CA THR B 351 -44.01 -18.04 -3.70
C THR B 351 -44.45 -16.92 -4.64
N PHE B 352 -43.68 -15.83 -4.72
CA PHE B 352 -44.01 -14.72 -5.60
C PHE B 352 -43.50 -15.02 -7.00
N GLY B 353 -44.35 -14.77 -8.00
CA GLY B 353 -43.97 -14.88 -9.39
C GLY B 353 -43.93 -16.28 -9.95
N GLN B 354 -44.32 -17.29 -9.16
CA GLN B 354 -44.42 -18.68 -9.60
C GLN B 354 -43.14 -19.18 -10.24
N PRO B 355 -42.08 -19.40 -9.46
CA PRO B 355 -40.81 -19.84 -10.04
C PRO B 355 -40.87 -21.31 -10.46
N GLU B 356 -39.91 -21.68 -11.33
CA GLU B 356 -39.87 -23.05 -11.82
C GLU B 356 -39.50 -24.02 -10.71
N TYR B 357 -38.54 -23.65 -9.87
CA TYR B 357 -38.13 -24.42 -8.71
C TYR B 357 -38.50 -23.68 -7.44
N TYR B 358 -38.54 -24.42 -6.33
CA TYR B 358 -38.70 -23.85 -5.00
C TYR B 358 -37.46 -24.23 -4.20
N ASP B 359 -36.44 -23.37 -4.25
CA ASP B 359 -35.14 -23.65 -3.68
C ASP B 359 -34.50 -22.33 -3.26
N SER B 360 -33.33 -22.44 -2.61
CA SER B 360 -32.53 -21.29 -2.23
C SER B 360 -31.08 -21.73 -2.18
N SER B 361 -30.16 -20.77 -2.36
CA SER B 361 -28.75 -21.12 -2.33
C SER B 361 -27.91 -19.90 -1.97
N LEU B 362 -26.66 -20.18 -1.61
CA LEU B 362 -25.71 -19.17 -1.16
C LEU B 362 -24.31 -19.71 -1.37
N ASN B 363 -23.41 -18.88 -1.90
CA ASN B 363 -22.05 -19.32 -2.23
C ASN B 363 -20.99 -18.88 -1.22
N GLY B 364 -21.21 -17.76 -0.55
CA GLY B 364 -20.25 -17.29 0.44
C GLY B 364 -20.91 -16.31 1.38
N LEU B 365 -20.26 -16.07 2.51
CA LEU B 365 -20.84 -15.19 3.52
C LEU B 365 -19.72 -14.54 4.34
N GLU B 366 -19.76 -13.22 4.42
CA GLU B 366 -18.87 -12.46 5.28
C GLU B 366 -19.73 -11.59 6.19
N ILE B 367 -19.33 -11.50 7.46
CA ILE B 367 -20.00 -10.66 8.44
C ILE B 367 -18.98 -9.69 9.01
N PHE B 368 -19.30 -8.40 8.98
CA PHE B 368 -18.41 -7.35 9.45
C PHE B 368 -19.13 -6.51 10.50
N LYS B 369 -18.41 -6.16 11.55
CA LYS B 369 -18.88 -5.19 12.53
C LYS B 369 -18.46 -3.79 12.08
N MET B 370 -19.40 -2.86 12.08
CA MET B 370 -19.06 -1.47 11.82
C MET B 370 -18.72 -0.75 13.12
N ASP B 371 -17.81 0.21 13.02
CA ASP B 371 -17.41 0.94 14.21
C ASP B 371 -18.49 1.93 14.62
N THR B 372 -18.60 2.15 15.93
CA THR B 372 -19.47 3.16 16.51
C THR B 372 -18.60 4.08 17.34
N MET B 373 -18.62 5.38 17.01
CA MET B 373 -17.77 6.37 17.68
C MET B 373 -16.30 5.95 17.63
N LYS B 374 -15.86 5.47 16.46
CA LYS B 374 -14.49 5.00 16.24
C LYS B 374 -14.10 3.86 17.17
N ASN B 375 -15.10 3.06 17.58
CA ASN B 375 -14.86 1.93 18.48
C ASN B 375 -15.37 0.64 17.86
N LEU B 376 -14.54 -0.41 17.96
CA LEU B 376 -14.93 -1.76 17.55
C LEU B 376 -14.82 -2.76 18.70
N ALA B 377 -14.42 -2.33 19.88
CA ALA B 377 -14.13 -3.25 20.98
C ALA B 377 -15.42 -3.71 21.64
N GLY B 378 -15.53 -5.03 21.85
CA GLY B 378 -16.63 -5.59 22.59
C GLY B 378 -16.16 -6.25 23.87
N PRO B 379 -17.07 -6.84 24.62
CA PRO B 379 -16.69 -7.52 25.87
C PRO B 379 -16.07 -8.87 25.58
N ASN B 380 -15.44 -9.43 26.61
CA ASN B 380 -14.95 -10.78 26.52
C ASN B 380 -16.11 -11.77 26.59
N PRO B 381 -16.01 -12.90 25.88
CA PRO B 381 -17.08 -13.89 25.93
C PRO B 381 -17.19 -14.51 27.31
N GLU B 382 -18.27 -15.20 27.51
CA GLU B 382 -18.51 -15.96 28.72
C GLU B 382 -18.03 -17.39 28.53
N PRO B 383 -17.12 -17.86 29.38
CA PRO B 383 -16.80 -19.28 29.52
C PRO B 383 -17.95 -20.22 29.19
C1 NAG C . 14.59 17.23 -32.13
C2 NAG C . 15.09 18.61 -32.56
C3 NAG C . 16.34 18.47 -33.45
C4 NAG C . 17.38 17.56 -32.79
C5 NAG C . 16.74 16.25 -32.34
C6 NAG C . 17.68 15.36 -31.57
C7 NAG C . 13.40 20.37 -32.75
C8 NAG C . 12.35 20.99 -33.64
N2 NAG C . 14.05 19.33 -33.28
O3 NAG C . 16.89 19.76 -33.66
O4 NAG C . 18.40 17.27 -33.75
O5 NAG C . 15.64 16.53 -31.48
O6 NAG C . 18.16 16.03 -30.41
O7 NAG C . 13.62 20.79 -31.63
C1 NAG C . 19.75 17.54 -33.36
C2 NAG C . 20.77 16.81 -34.26
C3 NAG C . 22.18 17.03 -33.73
C4 NAG C . 22.46 18.51 -33.47
C5 NAG C . 21.36 19.11 -32.61
C6 NAG C . 21.52 20.59 -32.39
C7 NAG C . 19.57 14.88 -35.19
C8 NAG C . 19.39 13.39 -35.12
N2 NAG C . 20.46 15.39 -34.33
O3 NAG C . 23.11 16.51 -34.67
O4 NAG C . 23.72 18.66 -32.81
O5 NAG C . 20.09 18.91 -33.25
O6 NAG C . 20.88 21.34 -33.42
O7 NAG C . 18.93 15.58 -35.97
C1 NAG D . -12.66 -7.06 31.97
C2 NAG D . -13.80 -6.48 32.80
C3 NAG D . -14.25 -7.46 33.88
C4 NAG D . -14.50 -8.85 33.29
C5 NAG D . -13.31 -9.30 32.45
C6 NAG D . -13.52 -10.61 31.74
C7 NAG D . -13.80 -4.03 32.95
C8 NAG D . -13.27 -2.84 33.70
N2 NAG D . -13.39 -5.22 33.40
O3 NAG D . -15.44 -6.97 34.48
O4 NAG D . -14.69 -9.78 34.34
O5 NAG D . -13.04 -8.31 31.44
O6 NAG D . -14.67 -10.58 30.91
O7 NAG D . -14.56 -3.91 32.00
C1 NAG D . -15.87 -10.59 34.27
C2 NAG D . -15.84 -11.74 35.27
C3 NAG D . -17.09 -12.62 35.11
C4 NAG D . -18.35 -11.77 35.13
C5 NAG D . -18.24 -10.62 34.13
C6 NAG D . -19.41 -9.67 34.17
C7 NAG D . -13.49 -12.31 35.72
C8 NAG D . -12.36 -13.24 35.40
N2 NAG D . -14.64 -12.55 35.09
O3 NAG D . -17.12 -13.57 36.17
O4 NAG D . -19.49 -12.57 34.80
O5 NAG D . -17.07 -9.86 34.42
O6 NAG D . -19.58 -9.11 35.47
O7 NAG D . -13.35 -11.37 36.50
C1 NAG E . 16.14 4.30 -38.69
C2 NAG E . 16.74 3.70 -39.94
C3 NAG E . 17.97 4.49 -40.37
C4 NAG E . 17.65 5.97 -40.49
C5 NAG E . 16.96 6.48 -39.22
C6 NAG E . 16.45 7.90 -39.34
C7 NAG E . 16.50 1.29 -40.42
C8 NAG E . 16.97 -0.08 -40.08
N2 NAG E . 17.08 2.30 -39.74
O3 NAG E . 18.44 4.00 -41.63
O4 NAG E . 18.84 6.71 -40.69
O5 NAG E . 15.81 5.67 -38.91
O6 NAG E . 17.52 8.82 -39.51
O7 NAG E . 15.62 1.50 -41.26
C1 NAG F . 36.04 22.75 -2.56
C2 NAG F . 37.48 23.23 -2.61
C3 NAG F . 37.54 24.76 -2.75
C4 NAG F . 36.65 25.22 -3.89
C5 NAG F . 35.25 24.65 -3.74
C6 NAG F . 34.33 25.01 -4.90
C7 NAG F . 39.14 21.84 -1.45
C8 NAG F . 39.79 21.54 -0.14
N2 NAG F . 38.22 22.80 -1.43
O3 NAG F . 38.89 25.18 -2.93
O4 NAG F . 36.59 26.65 -3.90
O5 NAG F . 35.32 23.22 -3.70
O6 NAG F . 34.57 24.18 -6.02
O7 NAG F . 39.44 21.25 -2.48
C1 NAG G . 19.06 28.90 -22.80
C2 NAG G . 18.14 28.84 -24.01
C3 NAG G . 18.71 29.68 -25.15
C4 NAG G . 19.01 31.09 -24.67
C5 NAG G . 19.88 31.06 -23.42
C6 NAG G . 20.10 32.42 -22.81
C7 NAG G . 16.84 26.76 -24.15
C8 NAG G . 16.81 25.36 -24.66
N2 NAG G . 17.94 27.46 -24.44
O3 NAG G . 17.78 29.72 -26.23
O4 NAG G . 19.68 31.82 -25.69
O5 NAG G . 19.24 30.26 -22.41
O6 NAG G . 18.92 33.21 -22.85
O7 NAG G . 15.92 27.24 -23.51
C1 NAG H . -38.76 -18.34 7.48
C2 NAG H . -40.05 -18.85 8.13
C3 NAG H . -41.01 -17.69 8.39
C4 NAG H . -40.31 -16.62 9.22
C5 NAG H . -39.01 -16.19 8.54
C6 NAG H . -38.20 -15.23 9.38
C7 NAG H . -40.77 -21.16 7.65
C8 NAG H . -41.46 -22.06 6.68
N2 NAG H . -40.69 -19.87 7.29
O3 NAG H . -42.15 -18.17 9.09
O4 NAG H . -41.16 -15.49 9.38
O5 NAG H . -38.17 -17.34 8.32
O6 NAG H . -37.82 -15.81 10.61
O7 NAG H . -40.30 -21.57 8.71
C1 NAG I . -26.23 -2.00 25.10
C2 NAG I . -25.30 -1.87 26.32
C3 NAG I . -26.08 -1.42 27.56
C4 NAG I . -26.95 -0.21 27.26
C5 NAG I . -27.83 -0.51 26.05
C6 NAG I . -28.72 0.64 25.66
C7 NAG I . -23.38 -3.40 26.14
C8 NAG I . -22.83 -4.74 26.51
N2 NAG I . -24.62 -3.12 26.58
O3 NAG I . -25.16 -1.11 28.61
O4 NAG I . -27.76 0.11 28.38
O5 NAG I . -26.98 -0.79 24.93
O6 NAG I . -28.02 1.88 25.64
O7 NAG I . -22.74 -2.60 25.47
#